data_7THX
#
_entry.id   7THX
#
_cell.length_a   1.00
_cell.length_b   1.00
_cell.length_c   1.00
_cell.angle_alpha   90.00
_cell.angle_beta   90.00
_cell.angle_gamma   90.00
#
_symmetry.space_group_name_H-M   'P 1'
#
loop_
_entity.id
_entity.type
_entity.pdbx_description
1 polymer 'Capsid protein VP1'
2 polymer 'Capsid protein VP2'
3 polymer 'Capsid protein VP3'
4 polymer 'Capsid protein VP4'
5 non-polymer SPHINGOSINE
6 non-polymer 'POTASSIUM ION'
7 water water
#
loop_
_entity_poly.entity_id
_entity_poly.type
_entity_poly.pdbx_seq_one_letter_code
_entity_poly.pdbx_strand_id
1 'polypeptide(L)'
;GETGQLIKDTIKNTVENTVESTHSISTEATPALQAAETGATSNASDESMIETRNVVNTHGVAETSLEGFYGRAGLVAMFT
TEGGIRSWYINFGKYVQLRAKLELLTYARFDVEFTIVAQVVDEQAKVKDFNVDYQVMYVPPGASAPDGQDSFQWQSSCNP
SVISNTGLPPARVSVPFMSSANAYSFSYDGYIQFGDTSSSSYGILPIHYLGQLVVRTCEDLDSARLRVRIYAKPKHMRGW
IPRSPRMRPYVSRFTGIYTDAPSFCVNRESITTAG
;
1
2 'polypeptide(L)'
;SAEACGYSDRVAQLTLGNSTITTQEAANIVVAYGRWPSGLRDTDATAVDKPTQPGVSAERFYTLPSVQWTTSFTGHYWKL
PDALSDLGLFGQNLQFHYLYRGGWAIHVQCNATKFHQGTLLVVAVPEHKIQAQSNPSFGRTNPGEAGAACQFPFTFEDGT
ALGNALIYPHQWINLRTNNSATLVLPYVNAIPMDSGIKHNNWTLLVIPIVPLEYAVGATTFVPITVTIAPMCTEYNGLRA
AVTQ
;
2
3 'polypeptide(L)'
;GCPTLYTPGSGQFLTTDDFQTPCMLPKFQPTPVIDIPGEVKNFLEVIQVESLVEINNVSGVEGVARYRIPLNVQDAMDGQ
IMAVRVDPGADGPMQSTLLGVFTRYYTQWSGSLDFTFMFCGTFMTTGKVIIAYTPPGGDQPGSRQQAMLGTHVVWDFGLQ
SSITLVVPWISSGHFRGTSLDNTIYKYRYYEAGYITMWYQTNMVVPPNFPTEASILMFVAAQPNFSLRILKDRPDITQVA
SLQ
;
3
4 'polypeptide(L)' MGAQLSKNTAGSHTTGTYATGGSSIHYTNINYYENAASNSLNKQDFTQDPDKFTRPVADIMKEAAVPLKSP 4
#
# COMPACT_ATOMS: atom_id res chain seq x y z
N THR A 10 -8.45 -19.03 -7.38
CA THR A 10 -9.89 -19.39 -7.58
C THR A 10 -10.78 -18.16 -7.30
N ILE A 11 -11.91 -18.06 -7.99
CA ILE A 11 -12.72 -16.81 -8.05
C ILE A 11 -14.08 -17.00 -7.39
N LYS A 12 -14.60 -15.94 -6.78
CA LYS A 12 -15.82 -15.97 -5.96
C LYS A 12 -16.69 -14.75 -6.24
N ASN A 13 -18.02 -14.89 -6.20
CA ASN A 13 -18.98 -13.78 -6.43
C ASN A 13 -19.72 -13.37 -5.16
N THR A 14 -19.52 -14.06 -4.03
CA THR A 14 -20.10 -13.66 -2.73
C THR A 14 -19.07 -13.92 -1.64
N VAL A 15 -19.31 -13.36 -0.45
CA VAL A 15 -18.47 -13.62 0.75
C VAL A 15 -18.74 -15.02 1.33
N GLU A 16 -17.92 -15.48 2.28
CA GLU A 16 -17.96 -16.84 2.86
C GLU A 16 -19.16 -17.05 3.81
N ASN A 17 -19.79 -18.21 3.72
CA ASN A 17 -20.83 -18.72 4.66
C ASN A 17 -20.29 -19.05 6.08
N THR A 18 -21.16 -19.46 6.99
CA THR A 18 -20.79 -19.90 8.36
C THR A 18 -21.46 -21.22 8.67
N VAL A 19 -20.72 -22.15 9.27
CA VAL A 19 -21.28 -23.49 9.67
C VAL A 19 -21.48 -23.59 11.19
N GLU A 20 -22.28 -24.57 11.62
CA GLU A 20 -22.44 -24.90 13.05
C GLU A 20 -21.16 -25.44 13.67
N SER A 21 -20.98 -25.08 14.94
CA SER A 21 -19.80 -25.56 15.69
C SER A 21 -20.13 -25.87 17.15
N THR A 22 -19.59 -26.97 17.64
CA THR A 22 -19.80 -27.46 19.04
C THR A 22 -18.57 -27.18 19.92
N HIS A 23 -18.66 -27.51 21.20
CA HIS A 23 -17.58 -27.34 22.18
C HIS A 23 -16.43 -28.29 21.88
N SER A 24 -15.24 -27.95 22.31
CA SER A 24 -14.01 -28.73 22.10
C SER A 24 -13.17 -28.73 23.37
N ILE A 25 -12.77 -29.89 23.86
CA ILE A 25 -11.80 -30.01 24.99
C ILE A 25 -10.68 -30.95 24.58
N SER A 26 -9.52 -30.43 24.22
CA SER A 26 -8.47 -31.28 23.61
C SER A 26 -7.08 -30.68 23.71
N THR A 27 -6.07 -31.53 23.62
CA THR A 27 -4.64 -31.17 23.47
C THR A 27 -4.26 -31.12 21.99
N GLU A 28 -5.05 -31.75 21.13
CA GLU A 28 -4.60 -32.07 19.74
C GLU A 28 -4.76 -30.89 18.77
N ALA A 29 -5.67 -29.95 19.01
CA ALA A 29 -6.02 -28.89 18.04
C ALA A 29 -5.97 -27.54 18.75
N THR A 30 -5.18 -26.60 18.26
CA THR A 30 -4.94 -25.29 18.91
C THR A 30 -4.96 -24.17 17.88
N PRO A 31 -6.13 -23.80 17.31
CA PRO A 31 -6.22 -22.67 16.38
C PRO A 31 -6.03 -21.24 16.88
N ALA A 32 -6.10 -20.99 18.18
CA ALA A 32 -5.92 -19.62 18.71
C ALA A 32 -4.45 -19.23 18.79
N LEU A 33 -3.50 -20.16 18.94
CA LEU A 33 -2.05 -19.85 19.05
C LEU A 33 -1.48 -19.50 17.67
N GLN A 34 -0.64 -18.48 17.61
CA GLN A 34 -0.11 -17.91 16.34
C GLN A 34 1.35 -17.46 16.52
N ALA A 35 2.05 -17.24 15.42
CA ALA A 35 3.40 -16.61 15.45
C ALA A 35 3.47 -15.52 14.38
N ALA A 36 3.28 -14.27 14.78
CA ALA A 36 3.34 -13.11 13.86
C ALA A 36 4.74 -12.97 13.24
N GLU A 37 5.82 -13.45 13.88
CA GLU A 37 7.21 -13.33 13.37
C GLU A 37 7.36 -13.87 11.94
N THR A 38 6.55 -14.82 11.52
CA THR A 38 6.78 -15.55 10.25
C THR A 38 6.44 -14.70 9.04
N GLY A 39 5.69 -13.61 9.19
CA GLY A 39 5.28 -12.71 8.11
C GLY A 39 3.92 -13.06 7.56
N ALA A 40 3.27 -14.10 8.08
CA ALA A 40 1.93 -14.51 7.65
C ALA A 40 0.83 -13.86 8.52
N THR A 41 -0.32 -13.56 7.93
CA THR A 41 -1.53 -13.11 8.69
C THR A 41 -2.21 -14.33 9.28
N SER A 42 -2.79 -14.19 10.47
CA SER A 42 -3.53 -15.22 11.26
C SER A 42 -4.49 -16.07 10.41
N ASN A 43 -4.69 -17.35 10.73
CA ASN A 43 -5.69 -18.20 10.01
C ASN A 43 -6.80 -18.75 10.94
N ALA A 44 -6.95 -18.28 12.18
CA ALA A 44 -8.08 -18.64 13.05
C ALA A 44 -9.42 -18.24 12.40
N SER A 45 -10.29 -19.22 12.10
CA SER A 45 -11.71 -18.98 11.71
C SER A 45 -12.62 -18.75 12.92
N ASP A 46 -13.74 -18.07 12.67
CA ASP A 46 -14.80 -17.79 13.70
C ASP A 46 -15.26 -19.08 14.38
N GLU A 47 -15.52 -20.13 13.63
CA GLU A 47 -16.13 -21.42 14.10
C GLU A 47 -15.19 -22.14 15.05
N SER A 48 -13.89 -21.91 14.91
CA SER A 48 -12.85 -22.52 15.77
C SER A 48 -12.80 -21.85 17.15
N MET A 49 -13.24 -20.60 17.26
CA MET A 49 -13.01 -19.76 18.44
C MET A 49 -14.24 -19.64 19.34
N ILE A 50 -15.46 -19.88 18.83
CA ILE A 50 -16.77 -19.83 19.56
C ILE A 50 -17.74 -20.87 18.95
N GLU A 51 -18.84 -21.22 19.63
CA GLU A 51 -19.89 -22.06 19.02
C GLU A 51 -20.74 -21.19 18.10
N THR A 52 -20.84 -21.56 16.81
CA THR A 52 -21.53 -20.79 15.71
C THR A 52 -22.83 -21.48 15.25
N ARG A 53 -23.70 -20.76 14.55
CA ARG A 53 -24.92 -21.30 13.88
C ARG A 53 -24.74 -21.27 12.37
N ASN A 54 -25.62 -21.93 11.62
CA ASN A 54 -25.55 -21.85 10.14
C ASN A 54 -26.10 -20.50 9.65
N VAL A 55 -25.38 -19.89 8.73
CA VAL A 55 -25.80 -18.63 8.05
C VAL A 55 -25.51 -18.76 6.56
N VAL A 56 -26.49 -18.68 5.66
CA VAL A 56 -26.20 -18.61 4.19
C VAL A 56 -26.10 -17.15 3.85
N ASN A 57 -24.92 -16.70 3.47
CA ASN A 57 -24.53 -15.29 3.31
C ASN A 57 -24.49 -14.99 1.82
N THR A 58 -25.30 -14.06 1.36
CA THR A 58 -25.38 -13.72 -0.08
C THR A 58 -24.83 -12.34 -0.45
N HIS A 59 -24.15 -11.65 0.46
CA HIS A 59 -23.56 -10.32 0.17
C HIS A 59 -22.57 -10.37 -1.00
N GLY A 60 -22.65 -9.46 -1.96
CA GLY A 60 -21.72 -9.46 -3.12
C GLY A 60 -20.47 -8.65 -2.90
N VAL A 61 -19.56 -8.62 -3.88
CA VAL A 61 -18.18 -8.10 -3.71
C VAL A 61 -17.88 -7.09 -4.79
N ALA A 62 -18.90 -6.60 -5.49
CA ALA A 62 -18.68 -5.86 -6.74
C ALA A 62 -18.29 -4.39 -6.52
N GLU A 63 -18.77 -3.70 -5.49
CA GLU A 63 -18.42 -2.27 -5.28
C GLU A 63 -16.93 -2.01 -4.95
N THR A 64 -16.17 -3.05 -4.61
CA THR A 64 -14.74 -2.98 -4.20
C THR A 64 -13.84 -3.57 -5.29
N SER A 65 -14.35 -3.89 -6.46
CA SER A 65 -13.52 -4.25 -7.64
C SER A 65 -12.78 -3.00 -8.12
N LEU A 66 -11.75 -3.16 -8.96
CA LEU A 66 -11.01 -1.97 -9.49
C LEU A 66 -11.95 -1.18 -10.37
N GLU A 67 -12.83 -1.83 -11.11
CA GLU A 67 -13.77 -1.07 -11.99
C GLU A 67 -14.74 -0.29 -11.13
N GLY A 68 -15.13 -0.91 -10.02
CA GLY A 68 -16.04 -0.37 -9.00
C GLY A 68 -15.51 0.90 -8.34
N PHE A 69 -14.24 0.88 -7.98
CA PHE A 69 -13.60 1.90 -7.13
C PHE A 69 -13.14 3.04 -8.01
N TYR A 70 -12.69 2.75 -9.24
CA TYR A 70 -11.97 3.72 -10.12
C TYR A 70 -12.93 4.28 -11.19
N GLY A 71 -14.03 3.61 -11.51
CA GLY A 71 -14.81 3.91 -12.74
C GLY A 71 -15.80 5.07 -12.59
N ARG A 72 -15.33 6.28 -12.28
CA ARG A 72 -16.21 7.48 -12.22
C ARG A 72 -15.39 8.77 -12.39
N ALA A 73 -15.95 9.83 -12.95
CA ALA A 73 -15.17 10.99 -13.41
C ALA A 73 -14.77 11.90 -12.25
N GLY A 74 -13.63 12.57 -12.35
CA GLY A 74 -13.09 13.51 -11.34
C GLY A 74 -12.28 14.64 -11.93
N LEU A 75 -12.15 15.77 -11.24
CA LEU A 75 -11.57 17.00 -11.84
C LEU A 75 -10.03 16.90 -11.97
N VAL A 76 -9.45 17.30 -13.11
CA VAL A 76 -7.99 17.25 -13.37
C VAL A 76 -7.46 18.62 -13.73
N ALA A 77 -8.26 19.53 -14.29
CA ALA A 77 -7.76 20.88 -14.67
C ALA A 77 -8.85 21.95 -14.58
N MET A 78 -8.48 23.19 -14.25
CA MET A 78 -9.43 24.33 -14.28
C MET A 78 -8.70 25.65 -14.53
N PHE A 79 -8.96 26.34 -15.64
CA PHE A 79 -8.18 27.55 -16.01
C PHE A 79 -8.96 28.58 -16.83
N THR A 80 -8.44 29.79 -17.01
CA THR A 80 -9.04 30.82 -17.92
C THR A 80 -8.05 31.20 -19.00
N THR A 81 -8.57 31.68 -20.12
CA THR A 81 -7.72 32.17 -21.22
C THR A 81 -7.17 33.56 -20.89
N GLU A 82 -5.94 33.80 -21.36
CA GLU A 82 -5.29 35.13 -21.32
C GLU A 82 -4.91 35.54 -22.74
N GLY A 83 -5.44 36.66 -23.24
CA GLY A 83 -5.28 37.06 -24.66
C GLY A 83 -5.81 36.00 -25.63
N GLY A 84 -6.91 35.33 -25.29
CA GLY A 84 -7.61 34.41 -26.19
C GLY A 84 -6.97 33.03 -26.28
N ILE A 85 -6.05 32.70 -25.36
CA ILE A 85 -5.34 31.38 -25.35
C ILE A 85 -4.92 30.93 -23.94
N ARG A 86 -4.85 29.62 -23.73
CA ARG A 86 -4.08 29.01 -22.60
C ARG A 86 -3.66 27.58 -22.95
N SER A 87 -2.62 27.07 -22.29
CA SER A 87 -2.24 25.64 -22.44
C SER A 87 -2.07 24.93 -21.09
N TRP A 88 -2.17 23.61 -21.10
CA TRP A 88 -2.16 22.73 -19.90
C TRP A 88 -1.23 21.54 -20.15
N TYR A 89 -0.25 21.27 -19.27
CA TYR A 89 0.57 20.04 -19.34
C TYR A 89 -0.27 18.91 -18.77
N ILE A 90 -0.44 17.87 -19.55
CA ILE A 90 -1.30 16.71 -19.22
C ILE A 90 -0.61 15.88 -18.14
N ASN A 91 -1.18 15.89 -16.93
CA ASN A 91 -0.57 15.33 -15.70
C ASN A 91 -1.64 15.43 -14.60
N PHE A 92 -1.91 14.35 -13.86
CA PHE A 92 -2.98 14.33 -12.84
C PHE A 92 -2.49 14.79 -11.44
N GLY A 93 -1.61 15.77 -11.29
CA GLY A 93 -1.14 16.14 -9.94
C GLY A 93 -1.77 17.36 -9.30
N LYS A 94 -2.58 18.22 -9.95
CA LYS A 94 -2.94 19.54 -9.34
C LYS A 94 -4.05 19.42 -8.29
N TYR A 95 -4.96 18.51 -8.50
CA TYR A 95 -6.15 18.28 -7.64
C TYR A 95 -5.94 16.95 -6.92
N VAL A 96 -5.91 16.98 -5.58
CA VAL A 96 -5.41 15.84 -4.77
C VAL A 96 -6.38 14.66 -4.69
N GLN A 97 -7.68 14.78 -4.91
CA GLN A 97 -8.55 13.62 -4.65
C GLN A 97 -8.28 12.45 -5.59
N LEU A 98 -8.23 12.67 -6.90
CA LEU A 98 -7.94 11.57 -7.84
C LEU A 98 -6.46 11.18 -7.73
N ARG A 99 -5.57 12.13 -7.45
CA ARG A 99 -4.12 11.81 -7.23
C ARG A 99 -3.96 10.78 -6.10
N ALA A 100 -4.58 11.03 -4.95
CA ALA A 100 -4.48 10.14 -3.78
C ALA A 100 -5.07 8.75 -4.05
N LYS A 101 -5.98 8.57 -5.02
CA LYS A 101 -6.54 7.23 -5.33
C LYS A 101 -5.60 6.44 -6.24
N LEU A 102 -4.96 7.11 -7.20
CA LEU A 102 -4.13 6.39 -8.20
C LEU A 102 -2.84 5.93 -7.51
N GLU A 103 -2.37 6.63 -6.48
CA GLU A 103 -1.14 6.23 -5.75
C GLU A 103 -1.46 5.12 -4.72
N LEU A 104 -2.53 4.33 -4.91
CA LEU A 104 -2.76 3.11 -4.10
C LEU A 104 -2.20 1.91 -4.85
N LEU A 105 -1.74 2.07 -6.10
CA LEU A 105 -1.15 0.99 -6.94
C LEU A 105 0.24 1.42 -7.41
N THR A 106 1.13 0.46 -7.66
CA THR A 106 2.46 0.80 -8.20
C THR A 106 2.32 0.92 -9.72
N TYR A 107 1.70 -0.04 -10.36
CA TYR A 107 1.61 -0.02 -11.83
C TYR A 107 0.18 -0.27 -12.28
N ALA A 108 -0.27 0.47 -13.32
CA ALA A 108 -1.64 0.35 -13.84
C ALA A 108 -1.71 0.57 -15.35
N ARG A 109 -2.63 -0.12 -16.00
CA ARG A 109 -2.95 0.14 -17.42
C ARG A 109 -4.41 0.58 -17.50
N PHE A 110 -4.74 1.66 -18.17
CA PHE A 110 -6.17 2.01 -18.38
C PHE A 110 -6.37 2.94 -19.59
N ASP A 111 -7.57 2.91 -20.16
CA ASP A 111 -8.06 3.95 -21.11
C ASP A 111 -8.70 5.11 -20.36
N VAL A 112 -8.84 6.29 -20.96
CA VAL A 112 -9.41 7.47 -20.25
C VAL A 112 -10.49 8.12 -21.11
N GLU A 113 -11.57 8.53 -20.46
CA GLU A 113 -12.67 9.30 -21.09
C GLU A 113 -12.65 10.72 -20.49
N PHE A 114 -12.38 11.71 -21.34
CA PHE A 114 -12.19 13.12 -20.94
C PHE A 114 -13.45 13.90 -21.27
N THR A 115 -13.85 14.80 -20.38
CA THR A 115 -15.06 15.63 -20.55
C THR A 115 -14.68 17.10 -20.32
N ILE A 116 -15.10 17.97 -21.23
CA ILE A 116 -14.73 19.41 -21.22
C ILE A 116 -15.97 20.29 -21.05
N VAL A 117 -15.97 21.18 -20.06
CA VAL A 117 -17.11 22.10 -19.76
C VAL A 117 -16.59 23.55 -19.80
N ALA A 118 -17.22 24.41 -20.59
CA ALA A 118 -16.67 25.78 -20.83
C ALA A 118 -17.74 26.87 -20.76
N GLN A 119 -17.37 28.08 -20.30
CA GLN A 119 -18.32 29.22 -20.22
C GLN A 119 -17.61 30.58 -20.27
N VAL A 120 -18.37 31.62 -20.56
CA VAL A 120 -17.87 33.02 -20.72
C VAL A 120 -18.04 33.79 -19.40
N VAL A 121 -16.98 34.53 -19.01
CA VAL A 121 -17.01 35.44 -17.83
C VAL A 121 -16.56 36.85 -18.19
N ASP A 122 -17.05 37.84 -17.43
CA ASP A 122 -16.56 39.24 -17.41
C ASP A 122 -15.17 39.39 -16.76
N GLU A 123 -14.65 40.61 -16.70
CA GLU A 123 -13.34 40.85 -16.05
C GLU A 123 -13.42 40.76 -14.51
N GLN A 124 -14.61 40.86 -13.94
CA GLN A 124 -14.87 40.71 -12.48
C GLN A 124 -15.16 39.26 -12.09
N ALA A 125 -14.94 38.31 -13.01
CA ALA A 125 -15.20 36.85 -12.87
C ALA A 125 -16.67 36.60 -12.57
N LYS A 126 -17.56 37.43 -13.14
CA LYS A 126 -19.03 37.23 -13.11
C LYS A 126 -19.50 36.64 -14.45
N VAL A 127 -20.28 35.57 -14.43
CA VAL A 127 -20.64 34.77 -15.63
C VAL A 127 -21.52 35.62 -16.56
N LYS A 128 -21.48 35.28 -17.84
CA LYS A 128 -22.11 36.03 -18.96
C LYS A 128 -22.98 35.10 -19.84
N ASP A 129 -24.21 35.52 -20.17
CA ASP A 129 -25.12 34.71 -21.04
C ASP A 129 -24.78 34.96 -22.52
N PHE A 130 -23.79 34.24 -23.05
CA PHE A 130 -23.16 34.55 -24.36
C PHE A 130 -22.58 33.27 -24.91
N ASN A 131 -22.98 32.85 -26.12
CA ASN A 131 -22.55 31.57 -26.73
C ASN A 131 -21.40 31.84 -27.71
N VAL A 132 -20.31 31.09 -27.60
CA VAL A 132 -19.08 31.29 -28.42
C VAL A 132 -18.49 29.94 -28.85
N ASP A 133 -17.84 29.91 -30.01
CA ASP A 133 -17.06 28.74 -30.48
C ASP A 133 -15.69 28.72 -29.81
N TYR A 134 -15.31 27.53 -29.35
CA TYR A 134 -13.99 27.24 -28.76
C TYR A 134 -13.31 26.09 -29.53
N GLN A 135 -11.98 26.01 -29.50
CA GLN A 135 -11.17 24.88 -30.05
C GLN A 135 -10.14 24.38 -29.02
N VAL A 136 -10.04 23.06 -28.88
CA VAL A 136 -9.01 22.35 -28.07
C VAL A 136 -8.11 21.55 -29.02
N MET A 137 -6.79 21.71 -28.93
CA MET A 137 -5.81 20.96 -29.76
C MET A 137 -4.85 20.18 -28.88
N TYR A 138 -4.54 18.94 -29.26
CA TYR A 138 -3.59 18.08 -28.51
C TYR A 138 -2.25 18.13 -29.22
N VAL A 139 -1.19 18.53 -28.52
CA VAL A 139 0.15 18.73 -29.12
C VAL A 139 1.19 17.81 -28.46
N PRO A 140 1.50 16.64 -29.06
CA PRO A 140 2.50 15.71 -28.55
C PRO A 140 3.91 16.28 -28.53
N PRO A 141 4.86 15.72 -27.71
CA PRO A 141 6.20 16.29 -27.56
C PRO A 141 7.01 16.27 -28.86
N GLY A 142 7.62 17.41 -29.19
CA GLY A 142 8.36 17.61 -30.44
C GLY A 142 7.55 18.32 -31.50
N ALA A 143 6.24 18.42 -31.32
CA ALA A 143 5.37 19.28 -32.15
C ALA A 143 5.46 20.73 -31.64
N SER A 144 5.33 21.69 -32.55
CA SER A 144 5.25 23.15 -32.23
C SER A 144 3.86 23.51 -31.70
N ALA A 145 3.80 24.11 -30.51
CA ALA A 145 2.55 24.71 -29.96
C ALA A 145 2.28 26.10 -30.55
N PRO A 146 1.00 26.52 -30.77
CA PRO A 146 0.66 27.89 -31.14
C PRO A 146 1.16 28.93 -30.14
N ASP A 147 1.53 30.11 -30.64
CA ASP A 147 2.03 31.27 -29.86
C ASP A 147 0.86 32.15 -29.41
N GLY A 148 -0.17 32.33 -30.25
CA GLY A 148 -1.35 33.16 -29.92
C GLY A 148 -2.59 32.79 -30.71
N GLN A 149 -3.65 33.61 -30.59
CA GLN A 149 -5.05 33.20 -30.88
C GLN A 149 -5.21 32.88 -32.37
N ASP A 150 -4.26 33.35 -33.19
CA ASP A 150 -4.37 33.43 -34.66
C ASP A 150 -3.14 32.86 -35.37
N SER A 151 -2.29 32.11 -34.67
CA SER A 151 -1.10 31.42 -35.23
C SER A 151 -1.54 30.33 -36.21
N PHE A 152 -0.67 29.97 -37.14
CA PHE A 152 -1.02 29.05 -38.25
C PHE A 152 -0.86 27.58 -37.86
N GLN A 153 -0.46 27.27 -36.63
CA GLN A 153 -0.45 25.87 -36.14
C GLN A 153 -1.89 25.42 -35.88
N TRP A 154 -2.87 26.32 -35.83
CA TRP A 154 -4.29 25.96 -35.55
C TRP A 154 -4.97 25.31 -36.77
N GLN A 155 -4.33 25.19 -37.94
CA GLN A 155 -4.85 24.42 -39.09
C GLN A 155 -5.15 22.97 -38.72
N SER A 156 -4.39 22.36 -37.80
CA SER A 156 -4.71 21.06 -37.14
C SER A 156 -4.84 19.91 -38.16
N SER A 157 -4.06 19.89 -39.24
CA SER A 157 -4.20 18.86 -40.32
C SER A 157 -3.61 17.52 -39.88
N CYS A 158 -2.64 17.50 -38.95
CA CYS A 158 -2.08 16.24 -38.39
C CYS A 158 -2.47 16.05 -36.91
N ASN A 159 -2.25 17.06 -36.06
CA ASN A 159 -2.62 17.04 -34.63
C ASN A 159 -4.14 16.92 -34.52
N PRO A 160 -4.68 16.07 -33.62
CA PRO A 160 -6.13 16.00 -33.40
C PRO A 160 -6.65 17.28 -32.73
N SER A 161 -7.89 17.63 -33.04
CA SER A 161 -8.63 18.77 -32.43
C SER A 161 -10.05 18.37 -32.09
N VAL A 162 -10.66 19.07 -31.14
CA VAL A 162 -12.14 19.09 -31.03
C VAL A 162 -12.61 20.56 -31.04
N ILE A 163 -13.68 20.80 -31.80
CA ILE A 163 -14.29 22.16 -31.95
C ILE A 163 -15.72 22.07 -31.48
N SER A 164 -16.15 23.07 -30.70
CA SER A 164 -17.49 23.06 -30.08
C SER A 164 -17.88 24.43 -29.58
N ASN A 165 -19.07 24.48 -29.02
CA ASN A 165 -19.73 25.76 -28.69
C ASN A 165 -20.21 25.71 -27.24
N THR A 166 -20.13 26.85 -26.55
CA THR A 166 -20.52 26.98 -25.12
C THR A 166 -22.02 26.78 -24.93
N GLY A 167 -22.82 26.75 -25.98
CA GLY A 167 -24.27 26.46 -25.84
C GLY A 167 -24.73 25.07 -26.22
N LEU A 168 -23.87 24.21 -26.73
CA LEU A 168 -24.14 22.75 -26.83
C LEU A 168 -23.88 22.08 -25.48
N PRO A 169 -24.25 20.79 -25.27
CA PRO A 169 -23.78 19.99 -24.14
C PRO A 169 -22.24 19.79 -24.12
N PRO A 170 -21.62 19.36 -23.00
CA PRO A 170 -20.16 19.20 -22.93
C PRO A 170 -19.51 18.28 -23.98
N ALA A 171 -18.30 18.64 -24.42
CA ALA A 171 -17.47 17.82 -25.33
C ALA A 171 -16.94 16.58 -24.59
N ARG A 172 -16.76 15.44 -25.27
CA ARG A 172 -16.25 14.20 -24.63
C ARG A 172 -15.52 13.35 -25.68
N VAL A 173 -14.32 12.81 -25.38
CA VAL A 173 -13.56 11.83 -26.23
C VAL A 173 -12.91 10.72 -25.38
N SER A 174 -12.81 9.52 -25.93
CA SER A 174 -11.99 8.43 -25.36
C SER A 174 -10.56 8.51 -25.88
N VAL A 175 -9.66 7.93 -25.10
CA VAL A 175 -8.21 7.79 -25.41
C VAL A 175 -7.73 6.40 -24.98
N PRO A 176 -6.93 5.66 -25.78
CA PRO A 176 -6.43 4.33 -25.38
C PRO A 176 -5.18 4.32 -24.47
N PHE A 177 -4.54 3.17 -24.17
CA PHE A 177 -3.34 3.14 -23.29
C PHE A 177 -2.10 3.56 -24.11
N MET A 178 -1.55 4.74 -23.86
CA MET A 178 -0.62 5.38 -24.82
C MET A 178 0.85 5.37 -24.40
N SER A 179 1.23 4.78 -23.27
CA SER A 179 2.65 4.77 -22.77
C SER A 179 3.55 3.95 -23.70
N SER A 180 4.85 4.26 -23.74
CA SER A 180 5.90 3.39 -24.34
C SER A 180 6.20 2.16 -23.48
N ALA A 181 5.89 2.18 -22.18
CA ALA A 181 6.03 1.07 -21.22
C ALA A 181 4.85 0.10 -21.30
N ASN A 182 4.92 -0.97 -20.53
CA ASN A 182 3.85 -1.99 -20.48
C ASN A 182 2.86 -1.63 -19.37
N ALA A 183 3.08 -0.55 -18.61
CA ALA A 183 2.11 0.01 -17.64
C ALA A 183 2.53 1.41 -17.26
N TYR A 184 1.61 2.30 -16.83
CA TYR A 184 2.01 3.54 -16.12
C TYR A 184 2.57 3.20 -14.71
N SER A 185 3.25 4.14 -14.08
CA SER A 185 4.01 3.97 -12.81
C SER A 185 3.63 5.12 -11.89
N PHE A 186 3.16 4.86 -10.68
CA PHE A 186 2.83 5.94 -9.73
C PHE A 186 3.94 6.09 -8.68
N SER A 187 4.98 5.25 -8.69
CA SER A 187 6.23 5.46 -7.92
C SER A 187 7.40 5.16 -8.85
N TYR A 188 8.45 5.96 -8.83
CA TYR A 188 9.67 5.68 -9.63
C TYR A 188 10.94 6.08 -8.85
N ASP A 189 11.69 5.12 -8.37
CA ASP A 189 12.91 5.40 -7.57
C ASP A 189 14.10 5.46 -8.54
N GLY A 190 14.27 6.59 -9.24
CA GLY A 190 15.39 6.76 -10.19
C GLY A 190 15.53 8.16 -10.77
N TYR A 191 16.46 8.32 -11.69
CA TYR A 191 16.81 9.61 -12.31
C TYR A 191 16.35 9.61 -13.77
N ILE A 192 16.21 10.81 -14.30
CA ILE A 192 15.63 11.11 -15.64
C ILE A 192 16.60 10.68 -16.73
N GLN A 193 17.90 10.84 -16.57
CA GLN A 193 18.89 10.65 -17.67
C GLN A 193 20.27 10.35 -17.11
N PHE A 194 21.15 9.78 -17.93
CA PHE A 194 22.57 9.46 -17.60
C PHE A 194 23.37 10.76 -17.41
N GLY A 195 24.26 10.75 -16.41
CA GLY A 195 25.19 11.83 -16.05
C GLY A 195 24.50 13.06 -15.50
N ASP A 196 23.32 12.91 -14.89
CA ASP A 196 22.64 14.05 -14.24
C ASP A 196 21.95 13.56 -12.98
N THR A 197 22.72 13.41 -11.90
CA THR A 197 22.26 13.05 -10.53
C THR A 197 21.80 14.31 -9.78
N SER A 198 21.45 15.41 -10.46
CA SER A 198 20.89 16.60 -9.77
C SER A 198 19.56 16.27 -9.07
N SER A 199 19.32 16.92 -7.94
CA SER A 199 18.21 16.60 -7.00
C SER A 199 16.84 16.91 -7.64
N SER A 200 16.79 17.78 -8.65
CA SER A 200 15.57 18.08 -9.43
C SER A 200 15.32 17.06 -10.55
N SER A 201 16.30 16.21 -10.85
CA SER A 201 16.17 15.11 -11.86
C SER A 201 15.65 13.79 -11.24
N TYR A 202 15.29 13.76 -9.95
CA TYR A 202 15.01 12.53 -9.18
C TYR A 202 13.49 12.26 -9.03
N GLY A 203 13.06 11.02 -9.28
CA GLY A 203 11.69 10.56 -9.02
C GLY A 203 10.67 11.07 -10.03
N ILE A 204 11.07 11.41 -11.24
CA ILE A 204 10.19 11.75 -12.41
C ILE A 204 10.34 10.66 -13.47
N LEU A 205 9.29 10.04 -14.01
CA LEU A 205 9.43 9.19 -15.25
C LEU A 205 8.99 9.93 -16.51
N PRO A 206 9.89 10.28 -17.45
CA PRO A 206 9.50 11.04 -18.64
C PRO A 206 8.52 10.32 -19.54
N ILE A 207 8.37 9.04 -19.30
CA ILE A 207 7.50 8.14 -20.05
C ILE A 207 6.02 8.39 -19.75
N HIS A 208 5.62 9.04 -18.65
CA HIS A 208 4.20 9.38 -18.39
C HIS A 208 3.87 10.69 -19.05
N TYR A 209 4.87 11.48 -19.40
CA TYR A 209 4.60 12.76 -20.06
C TYR A 209 4.25 12.53 -21.52
N LEU A 210 3.00 12.86 -21.88
CA LEU A 210 2.48 12.69 -23.25
C LEU A 210 2.15 14.02 -23.98
N GLY A 211 2.39 15.19 -23.37
CA GLY A 211 2.29 16.49 -24.08
C GLY A 211 1.40 17.55 -23.44
N GLN A 212 0.83 18.45 -24.23
CA GLN A 212 -0.03 19.57 -23.79
C GLN A 212 -1.42 19.46 -24.43
N LEU A 213 -2.39 20.15 -23.83
CA LEU A 213 -3.60 20.66 -24.53
C LEU A 213 -3.50 22.15 -24.67
N VAL A 214 -3.91 22.68 -25.81
CA VAL A 214 -3.95 24.17 -26.02
C VAL A 214 -5.39 24.56 -26.36
N VAL A 215 -5.88 25.68 -25.83
CA VAL A 215 -7.30 26.14 -25.99
C VAL A 215 -7.30 27.55 -26.51
N ARG A 216 -8.20 27.79 -27.45
CA ARG A 216 -8.50 29.17 -27.86
C ARG A 216 -9.99 29.43 -28.11
N THR A 217 -10.40 30.70 -28.16
CA THR A 217 -11.66 31.13 -28.85
C THR A 217 -11.33 31.37 -30.32
N CYS A 218 -12.15 30.84 -31.24
CA CYS A 218 -11.92 30.91 -32.70
C CYS A 218 -11.92 32.37 -33.13
N GLU A 219 -12.73 33.19 -32.47
CA GLU A 219 -12.68 34.65 -32.64
C GLU A 219 -12.49 35.38 -31.31
N ASP A 220 -11.99 36.59 -31.44
CA ASP A 220 -11.71 37.52 -30.32
C ASP A 220 -13.01 37.91 -29.62
N LEU A 221 -13.10 37.62 -28.32
CA LEU A 221 -14.16 38.19 -27.40
C LEU A 221 -13.79 39.62 -27.08
N ASP A 222 -14.79 40.45 -26.87
CA ASP A 222 -14.60 41.83 -26.34
C ASP A 222 -14.74 41.82 -24.80
N SER A 223 -13.66 42.12 -24.09
CA SER A 223 -13.57 42.22 -22.60
C SER A 223 -13.69 40.85 -21.90
N ALA A 224 -14.56 39.96 -22.35
CA ALA A 224 -14.79 38.63 -21.73
C ALA A 224 -13.62 37.65 -21.97
N ARG A 225 -13.63 36.54 -21.20
CA ARG A 225 -12.69 35.40 -21.26
C ARG A 225 -13.43 34.06 -21.18
N LEU A 226 -12.88 32.97 -21.74
CA LEU A 226 -13.29 31.59 -21.37
C LEU A 226 -12.70 31.18 -20.02
N ARG A 227 -13.55 30.49 -19.25
CA ARG A 227 -13.22 29.64 -18.10
C ARG A 227 -13.48 28.21 -18.58
N VAL A 228 -12.62 27.25 -18.23
CA VAL A 228 -12.66 25.83 -18.73
C VAL A 228 -12.36 24.86 -17.58
N ARG A 229 -13.07 23.74 -17.50
CA ARG A 229 -12.83 22.64 -16.52
C ARG A 229 -12.70 21.33 -17.29
N ILE A 230 -11.79 20.45 -16.84
CA ILE A 230 -11.61 19.09 -17.42
C ILE A 230 -11.79 18.00 -16.35
N TYR A 231 -12.60 16.98 -16.66
CA TYR A 231 -12.85 15.79 -15.82
C TYR A 231 -12.30 14.58 -16.56
N ALA A 232 -11.69 13.64 -15.85
CA ALA A 232 -11.14 12.38 -16.40
C ALA A 232 -11.75 11.16 -15.70
N LYS A 233 -12.04 10.13 -16.45
CA LYS A 233 -12.57 8.86 -15.92
C LYS A 233 -11.76 7.68 -16.50
N PRO A 234 -11.02 6.91 -15.69
CA PRO A 234 -10.41 5.65 -16.14
C PRO A 234 -11.40 4.55 -16.55
N LYS A 235 -11.04 3.70 -17.51
CA LYS A 235 -11.89 2.57 -17.94
C LYS A 235 -11.00 1.36 -18.22
N HIS A 236 -11.55 0.17 -18.04
CA HIS A 236 -10.81 -1.10 -18.23
C HIS A 236 -9.53 -1.16 -17.36
N MET A 237 -9.55 -0.82 -16.06
CA MET A 237 -8.36 -0.86 -15.17
C MET A 237 -7.74 -2.25 -15.06
N ARG A 238 -6.41 -2.33 -15.10
CA ARG A 238 -5.60 -3.44 -14.53
C ARG A 238 -4.54 -2.87 -13.60
N GLY A 239 -4.20 -3.59 -12.53
CA GLY A 239 -3.35 -3.07 -11.43
C GLY A 239 -2.43 -4.10 -10.79
N TRP A 240 -1.19 -3.70 -10.41
CA TRP A 240 -0.18 -4.58 -9.75
C TRP A 240 0.44 -3.87 -8.54
N ILE A 241 0.67 -4.64 -7.46
CA ILE A 241 1.49 -4.29 -6.25
C ILE A 241 0.87 -3.11 -5.50
N PRO A 242 -0.10 -3.39 -4.61
CA PRO A 242 -0.72 -2.41 -3.74
C PRO A 242 0.27 -1.75 -2.81
N ARG A 243 0.13 -0.45 -2.65
CA ARG A 243 0.99 0.38 -1.80
C ARG A 243 0.25 0.82 -0.52
N SER A 244 1.01 1.19 0.51
CA SER A 244 0.51 1.88 1.71
C SER A 244 -0.16 3.18 1.31
N PRO A 245 -1.36 3.56 1.84
CA PRO A 245 -1.97 4.85 1.51
C PRO A 245 -1.30 6.10 2.07
N ARG A 246 -1.35 7.21 1.32
CA ARG A 246 -0.75 8.54 1.65
C ARG A 246 -1.41 9.08 2.91
N MET A 247 -0.65 9.74 3.80
CA MET A 247 -1.08 10.02 5.17
C MET A 247 -0.65 11.43 5.59
N ARG A 248 0.01 12.19 4.71
CA ARG A 248 0.41 13.59 4.95
C ARG A 248 0.01 14.44 3.76
N PRO A 249 -0.26 15.74 3.92
CA PRO A 249 -0.56 16.63 2.79
C PRO A 249 0.49 16.62 1.66
N TYR A 250 0.00 16.75 0.43
CA TYR A 250 0.83 17.10 -0.75
C TYR A 250 1.19 18.59 -0.69
N VAL A 251 2.33 18.92 -1.30
CA VAL A 251 2.99 20.26 -1.30
C VAL A 251 3.21 20.74 -2.74
N SER A 252 3.62 19.84 -3.64
CA SER A 252 4.03 20.12 -5.04
C SER A 252 3.37 19.18 -6.07
N ARG A 253 3.20 19.68 -7.30
CA ARG A 253 2.46 19.00 -8.40
C ARG A 253 3.26 17.81 -8.94
N PHE A 254 4.58 17.89 -8.97
CA PHE A 254 5.38 16.90 -9.75
C PHE A 254 6.21 15.97 -8.84
N THR A 255 6.18 16.18 -7.52
CA THR A 255 6.99 15.44 -6.51
C THR A 255 6.14 14.95 -5.33
N GLY A 256 6.66 14.00 -4.55
CA GLY A 256 6.00 13.46 -3.34
C GLY A 256 6.39 14.18 -2.05
N ILE A 257 7.11 15.33 -2.11
CA ILE A 257 7.65 16.07 -0.93
C ILE A 257 6.55 16.21 0.15
N TYR A 258 6.94 16.15 1.43
CA TYR A 258 6.04 16.30 2.61
C TYR A 258 6.80 16.88 3.81
N THR A 259 6.04 17.38 4.80
CA THR A 259 6.48 17.87 6.13
C THR A 259 6.10 16.88 7.25
N ASP A 260 6.96 16.59 8.23
CA ASP A 260 6.64 15.60 9.31
C ASP A 260 5.78 16.22 10.42
N ALA A 261 5.13 15.37 11.25
CA ALA A 261 4.29 15.69 12.41
C ALA A 261 4.23 14.46 13.33
N PRO A 262 4.00 14.64 14.66
CA PRO A 262 4.15 13.57 15.65
C PRO A 262 3.00 12.57 15.89
N SER A 263 1.89 12.68 15.14
CA SER A 263 0.73 11.77 15.29
C SER A 263 -0.05 11.65 13.98
N PHE A 264 -0.97 10.70 13.92
CA PHE A 264 -1.89 10.57 12.77
C PHE A 264 -3.36 10.65 13.24
N CYS A 265 -3.70 10.06 14.37
CA CYS A 265 -5.06 10.13 14.94
C CYS A 265 -5.13 11.12 16.11
N VAL A 266 -6.35 11.42 16.55
CA VAL A 266 -6.65 12.37 17.65
C VAL A 266 -6.16 11.76 18.97
N ASN A 267 -5.77 12.59 19.95
CA ASN A 267 -5.37 12.10 21.30
C ASN A 267 -6.56 11.81 22.24
N ARG A 268 -6.33 11.12 23.37
CA ARG A 268 -7.34 10.91 24.44
C ARG A 268 -6.69 11.08 25.81
N GLU A 269 -7.50 11.09 26.88
CA GLU A 269 -7.02 11.38 28.26
C GLU A 269 -6.16 10.22 28.81
N SER A 270 -6.55 8.94 28.56
CA SER A 270 -5.77 7.74 28.98
C SER A 270 -6.08 6.49 28.15
N ILE A 271 -5.17 5.52 28.17
CA ILE A 271 -5.24 4.28 27.35
C ILE A 271 -6.35 3.37 27.89
N THR A 272 -6.83 3.59 29.10
CA THR A 272 -7.83 2.69 29.73
C THR A 272 -9.25 3.26 29.58
N THR A 273 -9.41 4.45 29.02
CA THR A 273 -10.72 5.13 28.82
C THR A 273 -11.09 5.10 27.34
N ALA A 274 -12.18 4.45 26.96
CA ALA A 274 -12.59 4.37 25.54
C ALA A 274 -13.32 5.66 25.18
N ASP B 9 9.47 -25.34 10.50
CA ASP B 9 10.70 -25.65 11.35
C ASP B 9 11.61 -24.42 11.59
N ARG B 10 12.52 -24.58 12.56
CA ARG B 10 13.34 -23.51 13.12
C ARG B 10 14.78 -23.65 12.61
N VAL B 11 15.20 -24.77 12.02
CA VAL B 11 16.53 -24.89 11.35
C VAL B 11 16.43 -24.66 9.84
N ALA B 12 17.48 -24.14 9.20
CA ALA B 12 17.51 -23.88 7.73
C ALA B 12 18.94 -23.87 7.19
N GLN B 13 19.09 -24.22 5.92
CA GLN B 13 20.40 -24.11 5.20
C GLN B 13 20.18 -23.61 3.78
N LEU B 14 20.86 -22.55 3.39
CA LEU B 14 20.74 -21.95 2.04
C LEU B 14 22.09 -22.12 1.34
N THR B 15 22.09 -22.64 0.11
CA THR B 15 23.32 -22.94 -0.66
C THR B 15 23.20 -22.33 -2.07
N LEU B 16 24.14 -21.46 -2.45
CA LEU B 16 24.14 -20.85 -3.78
C LEU B 16 25.58 -20.73 -4.27
N GLY B 17 25.89 -21.27 -5.44
CA GLY B 17 27.27 -21.24 -5.96
C GLY B 17 28.24 -21.81 -4.97
N ASN B 18 29.31 -21.11 -4.66
CA ASN B 18 30.34 -21.59 -3.72
C ASN B 18 29.98 -21.23 -2.27
N SER B 19 28.77 -20.79 -1.94
CA SER B 19 28.45 -20.21 -0.60
C SER B 19 27.32 -20.98 0.09
N THR B 20 27.39 -21.05 1.42
CA THR B 20 26.34 -21.68 2.28
C THR B 20 26.10 -20.89 3.57
N ILE B 21 24.86 -20.82 4.02
CA ILE B 21 24.40 -20.12 5.25
C ILE B 21 23.57 -21.12 6.03
N THR B 22 23.72 -21.09 7.36
CA THR B 22 22.91 -21.89 8.31
C THR B 22 22.29 -21.00 9.38
N THR B 23 21.19 -21.46 9.95
CA THR B 23 20.54 -20.82 11.12
C THR B 23 19.77 -21.86 11.95
N GLN B 24 19.69 -21.59 13.24
CA GLN B 24 19.01 -22.53 14.17
C GLN B 24 17.79 -21.90 14.84
N GLU B 25 17.55 -20.60 14.67
CA GLU B 25 16.37 -19.91 15.22
C GLU B 25 15.74 -19.14 14.06
N ALA B 26 15.33 -19.85 13.03
CA ALA B 26 14.51 -19.31 11.92
C ALA B 26 13.01 -19.18 12.28
N ALA B 27 12.18 -18.69 11.34
CA ALA B 27 10.70 -18.60 11.45
C ALA B 27 10.09 -18.72 10.06
N ASN B 28 10.29 -19.86 9.41
CA ASN B 28 9.92 -20.09 7.98
C ASN B 28 10.69 -19.17 7.00
N ILE B 29 10.32 -19.21 5.73
CA ILE B 29 10.91 -18.35 4.68
C ILE B 29 9.76 -17.71 3.88
N VAL B 30 9.83 -16.41 3.58
CA VAL B 30 8.82 -15.68 2.78
C VAL B 30 9.22 -15.72 1.30
N VAL B 31 8.28 -15.88 0.40
CA VAL B 31 8.52 -15.84 -1.07
C VAL B 31 7.57 -14.80 -1.63
N ALA B 32 8.05 -13.61 -1.97
CA ALA B 32 7.20 -12.41 -2.21
C ALA B 32 6.18 -12.58 -3.36
N TYR B 33 4.94 -12.16 -3.13
CA TYR B 33 3.81 -12.23 -4.09
C TYR B 33 3.61 -13.65 -4.61
N GLY B 34 4.02 -14.68 -3.86
CA GLY B 34 3.88 -16.09 -4.24
C GLY B 34 4.66 -16.45 -5.48
N ARG B 35 5.75 -15.76 -5.80
CA ARG B 35 6.56 -16.05 -7.02
C ARG B 35 8.04 -16.24 -6.72
N TRP B 36 8.68 -17.20 -7.39
CA TRP B 36 10.16 -17.33 -7.31
C TRP B 36 10.75 -16.59 -8.48
N PRO B 37 12.04 -16.24 -8.44
CA PRO B 37 12.68 -15.63 -9.59
C PRO B 37 12.66 -16.54 -10.82
N SER B 38 12.54 -15.94 -12.02
CA SER B 38 12.43 -16.64 -13.33
C SER B 38 12.97 -15.83 -14.53
N GLY B 39 13.16 -16.55 -15.62
CA GLY B 39 13.68 -16.00 -16.89
C GLY B 39 12.67 -15.18 -17.68
N LEU B 40 13.19 -14.30 -18.55
CA LEU B 40 12.37 -13.47 -19.47
C LEU B 40 11.86 -14.38 -20.61
N ARG B 41 10.55 -14.38 -20.91
CA ARG B 41 9.93 -15.17 -22.02
C ARG B 41 10.11 -14.52 -23.40
N ASP B 42 10.11 -15.34 -24.46
CA ASP B 42 10.22 -14.93 -25.89
C ASP B 42 9.07 -14.02 -26.35
N THR B 43 7.89 -14.14 -25.77
CA THR B 43 6.75 -13.24 -26.07
C THR B 43 6.90 -11.85 -25.45
N ASP B 44 7.73 -11.69 -24.41
CA ASP B 44 7.78 -10.48 -23.54
C ASP B 44 9.08 -9.72 -23.78
N ALA B 45 10.07 -10.37 -24.39
CA ALA B 45 11.42 -9.85 -24.70
C ALA B 45 11.31 -8.77 -25.78
N THR B 46 12.25 -7.83 -25.82
CA THR B 46 12.32 -6.80 -26.89
C THR B 46 13.72 -6.63 -27.47
N ALA B 47 14.77 -6.44 -26.68
CA ALA B 47 16.15 -6.35 -27.18
C ALA B 47 16.54 -7.61 -27.97
N VAL B 48 17.12 -7.48 -29.16
CA VAL B 48 17.29 -8.63 -30.10
C VAL B 48 18.65 -9.30 -29.97
N ASP B 49 19.62 -8.74 -29.25
CA ASP B 49 20.95 -9.38 -29.18
C ASP B 49 20.94 -10.54 -28.18
N LYS B 50 21.89 -11.48 -28.26
CA LYS B 50 21.88 -12.68 -27.37
C LYS B 50 22.33 -12.28 -25.98
N PRO B 51 21.52 -12.57 -24.94
CA PRO B 51 21.90 -12.17 -23.58
C PRO B 51 23.08 -12.95 -22.97
N THR B 52 23.70 -12.38 -21.94
CA THR B 52 24.76 -13.02 -21.12
C THR B 52 24.13 -13.54 -19.83
N GLN B 53 24.42 -14.78 -19.46
CA GLN B 53 23.94 -15.36 -18.19
C GLN B 53 25.15 -15.92 -17.44
N PRO B 54 25.79 -15.17 -16.52
CA PRO B 54 27.07 -15.61 -15.94
C PRO B 54 27.00 -16.87 -15.03
N GLY B 55 25.86 -17.26 -14.50
CA GLY B 55 25.75 -18.45 -13.62
C GLY B 55 26.40 -18.21 -12.26
N VAL B 56 27.15 -19.20 -11.79
CA VAL B 56 27.60 -19.28 -10.37
C VAL B 56 28.54 -18.13 -9.98
N SER B 57 29.15 -17.41 -10.92
CA SER B 57 30.07 -16.30 -10.57
C SER B 57 29.31 -15.09 -9.98
N ALA B 58 28.11 -14.83 -10.48
CA ALA B 58 27.26 -13.74 -9.98
C ALA B 58 26.31 -14.26 -8.89
N GLU B 59 25.77 -15.46 -9.02
CA GLU B 59 24.65 -15.92 -8.15
C GLU B 59 25.16 -16.69 -6.93
N ARG B 60 25.44 -15.93 -5.86
CA ARG B 60 26.13 -16.38 -4.63
C ARG B 60 25.98 -15.32 -3.54
N PHE B 61 26.12 -15.65 -2.26
CA PHE B 61 25.94 -14.68 -1.14
C PHE B 61 27.11 -13.69 -1.06
N TYR B 62 26.83 -12.41 -0.85
CA TYR B 62 27.80 -11.36 -0.48
C TYR B 62 27.40 -10.82 0.90
N THR B 63 28.35 -10.41 1.73
CA THR B 63 28.07 -9.90 3.09
C THR B 63 28.49 -8.42 3.16
N LEU B 64 27.56 -7.58 3.53
CA LEU B 64 27.83 -6.12 3.65
C LEU B 64 28.38 -5.84 5.04
N PRO B 65 29.12 -4.71 5.20
CA PRO B 65 29.56 -4.28 6.53
C PRO B 65 28.41 -4.08 7.54
N SER B 66 28.66 -4.37 8.82
CA SER B 66 27.66 -4.41 9.93
C SER B 66 27.30 -3.04 10.53
N VAL B 67 26.17 -2.99 11.22
CA VAL B 67 25.56 -1.77 11.85
C VAL B 67 25.33 -2.04 13.36
N GLN B 68 25.62 -1.10 14.26
CA GLN B 68 25.40 -1.33 15.72
C GLN B 68 24.00 -0.85 16.12
N TRP B 69 23.23 -1.70 16.81
CA TRP B 69 21.93 -1.35 17.45
C TRP B 69 22.23 -0.55 18.71
N THR B 70 22.49 0.74 18.56
CA THR B 70 22.78 1.68 19.69
C THR B 70 21.51 2.07 20.47
N THR B 71 21.67 2.87 21.53
CA THR B 71 20.55 3.48 22.31
C THR B 71 19.69 4.40 21.42
N SER B 72 20.34 5.11 20.50
CA SER B 72 19.74 6.18 19.65
C SER B 72 19.29 5.62 18.28
N PHE B 73 19.38 4.30 18.07
CA PHE B 73 19.13 3.69 16.74
C PHE B 73 17.67 3.91 16.31
N THR B 74 17.47 4.63 15.20
CA THR B 74 16.14 4.88 14.59
C THR B 74 15.85 3.93 13.43
N GLY B 75 16.87 3.43 12.73
CA GLY B 75 16.74 2.48 11.63
C GLY B 75 17.75 2.77 10.53
N HIS B 76 17.81 1.89 9.53
CA HIS B 76 18.86 1.88 8.49
C HIS B 76 18.24 1.33 7.21
N TYR B 77 18.77 1.68 6.02
CA TYR B 77 18.32 1.08 4.73
C TYR B 77 19.45 0.88 3.72
N TRP B 78 19.14 0.07 2.73
CA TRP B 78 20.01 -0.29 1.58
C TRP B 78 19.21 -0.18 0.24
N LYS B 79 19.80 0.23 -0.89
CA LYS B 79 19.11 0.17 -2.21
C LYS B 79 19.69 -0.96 -3.07
N LEU B 80 18.86 -1.71 -3.78
CA LEU B 80 19.30 -2.77 -4.71
C LEU B 80 19.02 -2.31 -6.14
N PRO B 81 19.93 -2.46 -7.13
CA PRO B 81 21.23 -3.10 -6.97
C PRO B 81 22.41 -2.19 -6.59
N ASP B 82 22.15 -0.93 -6.24
CA ASP B 82 23.20 0.02 -5.80
C ASP B 82 24.22 -0.59 -4.83
N ALA B 83 23.78 -1.21 -3.74
CA ALA B 83 24.62 -1.79 -2.66
C ALA B 83 25.65 -2.76 -3.23
N LEU B 84 25.34 -3.51 -4.29
CA LEU B 84 26.27 -4.58 -4.77
C LEU B 84 26.93 -4.14 -6.06
N SER B 85 26.74 -2.90 -6.50
CA SER B 85 27.21 -2.39 -7.80
C SER B 85 28.75 -2.42 -7.90
N ASP B 86 29.53 -2.47 -6.81
CA ASP B 86 31.01 -2.48 -6.90
C ASP B 86 31.61 -3.76 -6.28
N LEU B 87 30.86 -4.86 -6.21
CA LEU B 87 31.36 -6.09 -5.53
C LEU B 87 31.41 -7.26 -6.51
N GLY B 88 32.58 -7.88 -6.67
CA GLY B 88 32.77 -9.14 -7.43
C GLY B 88 32.38 -9.10 -8.88
N LEU B 89 32.03 -10.24 -9.43
CA LEU B 89 31.66 -10.25 -10.86
C LEU B 89 30.19 -9.89 -11.08
N PHE B 90 29.34 -9.81 -10.07
CA PHE B 90 28.03 -9.12 -10.21
C PHE B 90 28.33 -7.67 -10.58
N GLY B 91 29.21 -7.02 -9.82
CA GLY B 91 29.54 -5.62 -10.08
C GLY B 91 30.07 -5.41 -11.49
N GLN B 92 31.02 -6.23 -11.93
CA GLN B 92 31.72 -5.97 -13.21
C GLN B 92 30.74 -6.21 -14.35
N ASN B 93 29.96 -7.27 -14.30
CA ASN B 93 28.93 -7.50 -15.35
C ASN B 93 27.94 -6.32 -15.42
N LEU B 94 27.53 -5.73 -14.30
CA LEU B 94 26.55 -4.63 -14.29
C LEU B 94 27.19 -3.35 -14.90
N GLN B 95 28.49 -3.10 -14.73
CA GLN B 95 29.14 -1.88 -15.28
C GLN B 95 29.35 -2.02 -16.79
N PHE B 96 29.65 -3.20 -17.28
CA PHE B 96 29.99 -3.43 -18.71
C PHE B 96 28.75 -3.48 -19.59
N HIS B 97 27.56 -3.66 -19.03
CA HIS B 97 26.35 -3.86 -19.86
C HIS B 97 25.38 -2.69 -19.73
N TYR B 98 24.62 -2.34 -20.76
CA TYR B 98 23.53 -1.32 -20.67
C TYR B 98 22.33 -1.83 -19.86
N LEU B 99 21.81 -3.02 -20.09
CA LEU B 99 20.57 -3.50 -19.42
C LEU B 99 20.83 -4.70 -18.49
N TYR B 100 20.05 -4.82 -17.42
CA TYR B 100 20.16 -5.90 -16.40
C TYR B 100 18.73 -6.33 -16.04
N ARG B 101 18.56 -7.60 -15.65
CA ARG B 101 17.34 -8.11 -14.97
C ARG B 101 17.66 -9.24 -13.97
N GLY B 102 16.94 -9.38 -12.84
CA GLY B 102 17.15 -10.49 -11.88
C GLY B 102 16.41 -10.38 -10.54
N GLY B 103 16.36 -11.45 -9.74
CA GLY B 103 15.78 -11.48 -8.38
C GLY B 103 16.83 -11.58 -7.30
N TRP B 104 16.42 -11.73 -6.04
CA TRP B 104 17.29 -11.67 -4.83
C TRP B 104 16.88 -12.73 -3.82
N ALA B 105 17.86 -13.29 -3.09
CA ALA B 105 17.70 -13.92 -1.74
C ALA B 105 18.39 -13.07 -0.66
N ILE B 106 17.70 -12.77 0.45
CA ILE B 106 18.16 -11.82 1.51
C ILE B 106 18.07 -12.55 2.84
N HIS B 107 19.08 -12.38 3.70
CA HIS B 107 19.15 -12.99 5.05
C HIS B 107 19.73 -11.98 6.02
N VAL B 108 18.93 -11.57 6.99
CA VAL B 108 19.33 -10.60 8.06
C VAL B 108 19.59 -11.35 9.37
N GLN B 109 20.67 -11.04 10.07
CA GLN B 109 21.12 -11.75 11.28
C GLN B 109 21.30 -10.73 12.41
N CYS B 110 20.78 -11.09 13.57
CA CYS B 110 21.01 -10.35 14.82
C CYS B 110 20.72 -11.24 16.03
N ASN B 111 21.73 -11.47 16.84
CA ASN B 111 21.67 -12.42 17.98
C ASN B 111 21.95 -11.65 19.27
N ALA B 112 21.37 -12.14 20.36
CA ALA B 112 21.41 -11.57 21.72
C ALA B 112 20.89 -12.62 22.73
N THR B 113 21.25 -12.53 24.01
CA THR B 113 20.97 -13.61 25.01
C THR B 113 19.46 -13.71 25.36
N LYS B 114 19.09 -14.71 26.16
CA LYS B 114 17.80 -14.79 26.90
C LYS B 114 17.63 -13.69 27.96
N PHE B 115 18.63 -12.84 28.21
CA PHE B 115 18.54 -11.72 29.18
C PHE B 115 18.30 -10.39 28.45
N HIS B 116 18.02 -10.38 27.14
CA HIS B 116 17.76 -9.18 26.29
C HIS B 116 16.31 -9.16 25.75
N GLN B 117 15.74 -7.97 25.57
CA GLN B 117 14.42 -7.80 24.91
C GLN B 117 14.51 -6.69 23.86
N GLY B 118 13.78 -6.83 22.75
CA GLY B 118 13.75 -5.88 21.63
C GLY B 118 13.05 -6.46 20.42
N THR B 119 12.72 -5.66 19.39
CA THR B 119 12.07 -6.16 18.15
C THR B 119 12.38 -5.26 16.95
N LEU B 120 12.74 -5.89 15.82
CA LEU B 120 13.02 -5.22 14.51
C LEU B 120 12.00 -5.68 13.47
N LEU B 121 11.48 -4.75 12.68
CA LEU B 121 10.78 -5.06 11.41
C LEU B 121 11.80 -5.05 10.27
N VAL B 122 11.75 -6.08 9.45
CA VAL B 122 12.67 -6.28 8.29
C VAL B 122 11.79 -6.30 7.04
N VAL B 123 11.84 -5.31 6.15
CA VAL B 123 10.80 -5.16 5.08
C VAL B 123 11.48 -4.78 3.76
N ALA B 124 11.07 -5.43 2.69
CA ALA B 124 11.49 -5.15 1.30
C ALA B 124 10.41 -4.33 0.58
N VAL B 125 10.68 -3.13 0.07
CA VAL B 125 9.64 -2.29 -0.59
C VAL B 125 9.97 -2.03 -2.05
N PRO B 126 9.11 -2.35 -3.04
CA PRO B 126 9.28 -1.91 -4.41
C PRO B 126 9.14 -0.42 -4.67
N GLU B 127 9.99 0.16 -5.53
CA GLU B 127 9.93 1.58 -5.97
C GLU B 127 9.80 2.59 -4.81
N HIS B 128 10.61 2.47 -3.78
CA HIS B 128 10.58 3.37 -2.59
C HIS B 128 11.35 4.68 -2.84
N LYS B 129 10.70 5.84 -2.90
CA LYS B 129 11.40 7.16 -2.99
C LYS B 129 11.70 7.80 -1.62
N ILE B 130 12.83 8.50 -1.46
CA ILE B 130 13.17 9.32 -0.26
C ILE B 130 12.59 10.72 -0.48
N GLN B 131 11.70 11.21 0.37
CA GLN B 131 11.08 12.52 0.06
C GLN B 131 10.63 13.33 1.29
N ALA B 132 11.41 13.38 2.38
CA ALA B 132 11.11 14.28 3.53
C ALA B 132 11.63 15.71 3.26
N GLN B 133 12.34 15.89 2.14
CA GLN B 133 13.11 17.13 1.86
C GLN B 133 13.00 17.49 0.37
N SER B 134 13.10 18.78 0.05
CA SER B 134 12.68 19.35 -1.27
C SER B 134 13.50 18.71 -2.38
N ASN B 135 14.71 18.30 -2.03
CA ASN B 135 15.73 17.91 -3.02
C ASN B 135 16.63 16.91 -2.33
N PRO B 136 16.35 15.60 -2.46
CA PRO B 136 17.24 14.55 -1.96
C PRO B 136 18.62 14.61 -2.63
N SER B 137 19.71 14.47 -1.85
CA SER B 137 21.12 14.41 -2.35
C SER B 137 21.41 13.03 -2.95
N PHE B 138 22.50 12.95 -3.69
CA PHE B 138 22.92 11.70 -4.38
C PHE B 138 23.40 10.69 -3.32
N GLY B 139 24.11 11.18 -2.30
CA GLY B 139 24.45 10.40 -1.08
C GLY B 139 23.26 9.72 -0.40
N ARG B 140 22.12 10.40 -0.25
CA ARG B 140 20.93 9.85 0.42
C ARG B 140 20.20 8.89 -0.51
N THR B 141 20.20 9.14 -1.81
CA THR B 141 19.44 8.34 -2.81
C THR B 141 20.20 7.09 -3.23
N ASN B 142 21.53 7.10 -3.21
CA ASN B 142 22.39 5.94 -3.60
C ASN B 142 23.52 5.82 -2.59
N PRO B 143 23.26 5.29 -1.37
CA PRO B 143 24.28 5.27 -0.31
C PRO B 143 25.33 4.16 -0.39
N GLY B 144 25.33 3.33 -1.44
CA GLY B 144 26.34 2.27 -1.63
C GLY B 144 26.18 1.07 -0.71
N GLU B 145 27.28 0.38 -0.39
CA GLU B 145 27.29 -0.87 0.41
C GLU B 145 27.25 -0.55 1.92
N ALA B 146 27.53 0.67 2.33
CA ALA B 146 27.43 1.05 3.76
C ALA B 146 25.97 1.31 4.18
N GLY B 147 25.07 1.64 3.25
CA GLY B 147 23.68 2.00 3.58
C GLY B 147 23.62 3.34 4.23
N ALA B 148 22.43 3.76 4.65
CA ALA B 148 22.23 5.06 5.31
C ALA B 148 21.16 4.96 6.38
N ALA B 149 21.22 5.85 7.37
CA ALA B 149 20.28 5.94 8.52
C ALA B 149 18.88 6.43 8.09
N CYS B 150 17.82 5.91 8.70
CA CYS B 150 16.47 6.53 8.70
C CYS B 150 16.46 7.73 9.65
N GLN B 151 16.14 8.90 9.09
CA GLN B 151 15.91 10.18 9.80
C GLN B 151 14.42 10.38 10.12
N PHE B 152 13.52 9.64 9.46
CA PHE B 152 12.05 9.84 9.56
C PHE B 152 11.30 8.50 9.54
N PRO B 153 11.54 7.60 10.51
CA PRO B 153 10.94 6.27 10.46
C PRO B 153 9.42 6.21 10.62
N PHE B 154 8.82 7.11 11.40
CA PHE B 154 7.35 7.09 11.67
C PHE B 154 6.56 7.32 10.38
N THR B 155 7.05 8.17 9.47
CA THR B 155 6.43 8.45 8.14
C THR B 155 7.09 7.62 7.04
N PHE B 156 7.92 6.64 7.40
CA PHE B 156 8.52 5.60 6.51
C PHE B 156 9.33 6.25 5.39
N GLU B 157 9.92 7.40 5.70
CA GLU B 157 10.69 8.25 4.77
C GLU B 157 9.91 8.74 3.53
N ASP B 158 8.61 8.46 3.39
CA ASP B 158 7.89 8.67 2.10
C ASP B 158 6.48 9.31 2.22
N GLY B 159 6.01 9.62 3.43
CA GLY B 159 4.71 10.27 3.70
C GLY B 159 3.55 9.31 3.90
N THR B 160 3.83 8.08 4.34
CA THR B 160 2.86 7.02 4.71
C THR B 160 3.08 6.64 6.19
N ALA B 161 2.09 6.03 6.86
CA ALA B 161 2.22 5.52 8.24
C ALA B 161 3.14 4.31 8.27
N LEU B 162 4.07 4.26 9.23
CA LEU B 162 4.96 3.09 9.50
C LEU B 162 4.13 1.82 9.74
N GLY B 163 3.04 1.94 10.51
CA GLY B 163 2.11 0.86 10.85
C GLY B 163 1.57 0.10 9.65
N ASN B 164 1.50 0.71 8.45
CA ASN B 164 0.87 0.05 7.27
C ASN B 164 1.92 -0.55 6.35
N ALA B 165 3.20 -0.60 6.75
CA ALA B 165 4.29 -1.21 5.93
C ALA B 165 4.06 -2.71 5.69
N LEU B 166 3.12 -3.34 6.37
CA LEU B 166 3.01 -4.82 6.33
C LEU B 166 2.26 -5.28 5.06
N ILE B 167 1.80 -4.35 4.24
CA ILE B 167 1.32 -4.67 2.86
C ILE B 167 2.51 -5.10 1.97
N TYR B 168 3.76 -4.71 2.27
CA TYR B 168 4.97 -5.17 1.54
C TYR B 168 5.50 -6.47 2.13
N PRO B 169 6.30 -7.30 1.43
CA PRO B 169 6.91 -8.48 2.05
C PRO B 169 7.88 -8.17 3.22
N HIS B 170 7.72 -8.91 4.33
CA HIS B 170 8.42 -8.62 5.62
C HIS B 170 8.57 -9.88 6.48
N GLN B 171 9.42 -9.80 7.51
CA GLN B 171 9.40 -10.64 8.73
C GLN B 171 9.74 -9.77 9.95
N TRP B 172 9.54 -10.30 11.16
CA TRP B 172 10.06 -9.68 12.40
C TRP B 172 11.21 -10.49 12.96
N ILE B 173 12.19 -9.83 13.55
CA ILE B 173 13.11 -10.50 14.51
C ILE B 173 12.69 -10.01 15.88
N ASN B 174 12.20 -10.94 16.66
CA ASN B 174 11.77 -10.73 18.06
C ASN B 174 12.75 -11.51 18.91
N LEU B 175 13.53 -10.85 19.76
CA LEU B 175 14.68 -11.50 20.45
C LEU B 175 14.21 -12.64 21.36
N ARG B 176 12.97 -12.70 21.87
CA ARG B 176 12.54 -13.91 22.66
C ARG B 176 12.28 -15.10 21.72
N THR B 177 12.09 -14.92 20.42
CA THR B 177 11.64 -16.00 19.51
C THR B 177 12.70 -16.41 18.48
N ASN B 178 13.36 -15.46 17.79
CA ASN B 178 14.20 -15.81 16.61
C ASN B 178 15.43 -14.91 16.48
N ASN B 179 16.42 -15.27 15.66
CA ASN B 179 17.64 -14.43 15.53
C ASN B 179 17.91 -14.12 14.07
N SER B 180 17.04 -14.54 13.17
CA SER B 180 17.27 -14.28 11.73
C SER B 180 15.95 -14.16 10.96
N ALA B 181 16.00 -13.45 9.84
CA ALA B 181 14.86 -13.21 8.92
C ALA B 181 15.30 -13.49 7.49
N THR B 182 14.45 -14.09 6.66
CA THR B 182 14.77 -14.55 5.28
C THR B 182 13.65 -14.20 4.28
N LEU B 183 14.02 -13.54 3.18
CA LEU B 183 13.07 -13.07 2.12
C LEU B 183 13.58 -13.48 0.76
N VAL B 184 12.70 -13.93 -0.12
CA VAL B 184 13.04 -14.25 -1.54
C VAL B 184 12.19 -13.37 -2.47
N LEU B 185 12.80 -12.57 -3.36
CA LEU B 185 12.11 -11.52 -4.14
C LEU B 185 12.26 -11.80 -5.64
N PRO B 186 11.20 -11.81 -6.46
CA PRO B 186 11.34 -11.85 -7.92
C PRO B 186 11.55 -10.45 -8.54
N TYR B 187 11.80 -10.39 -9.85
CA TYR B 187 12.05 -9.11 -10.57
C TYR B 187 10.71 -8.39 -10.75
N VAL B 188 10.60 -7.10 -10.41
CA VAL B 188 9.34 -6.31 -10.60
C VAL B 188 9.67 -5.00 -11.33
N ASN B 189 8.95 -4.71 -12.41
CA ASN B 189 9.11 -3.44 -13.19
C ASN B 189 7.96 -3.39 -14.21
N ALA B 190 7.77 -2.24 -14.85
CA ALA B 190 6.77 -1.98 -15.90
C ALA B 190 7.32 -2.28 -17.31
N ILE B 191 8.54 -2.78 -17.40
CA ILE B 191 9.28 -3.05 -18.65
C ILE B 191 9.98 -4.41 -18.51
N PRO B 192 10.39 -5.13 -19.56
CA PRO B 192 11.12 -6.36 -19.37
C PRO B 192 12.55 -6.30 -18.82
N MET B 193 13.35 -5.24 -19.05
CA MET B 193 14.74 -5.06 -18.51
C MET B 193 14.96 -3.57 -18.27
N ASP B 194 16.04 -3.19 -17.61
CA ASP B 194 16.31 -1.78 -17.28
C ASP B 194 17.79 -1.53 -17.00
N SER B 195 18.21 -0.26 -17.02
CA SER B 195 19.54 0.21 -16.57
C SER B 195 19.77 -0.07 -15.08
N GLY B 196 20.91 -0.70 -14.73
CA GLY B 196 21.30 -1.00 -13.34
C GLY B 196 21.83 0.24 -12.65
N ILE B 197 22.26 1.26 -13.39
CA ILE B 197 22.99 2.40 -12.76
C ILE B 197 22.07 3.63 -12.58
N LYS B 198 20.88 3.62 -13.13
CA LYS B 198 20.01 4.83 -13.13
C LYS B 198 18.73 4.60 -12.32
N HIS B 199 18.35 3.36 -12.01
CA HIS B 199 17.03 3.00 -11.40
C HIS B 199 17.23 1.90 -10.35
N ASN B 200 16.76 2.06 -9.10
CA ASN B 200 16.80 0.98 -8.07
C ASN B 200 15.42 0.30 -7.91
N ASN B 201 15.27 -0.98 -8.18
CA ASN B 201 13.92 -1.63 -8.11
C ASN B 201 13.41 -1.88 -6.67
N TRP B 202 14.27 -2.29 -5.73
CA TRP B 202 13.89 -2.65 -4.32
C TRP B 202 14.67 -1.83 -3.31
N THR B 203 14.11 -1.59 -2.13
CA THR B 203 14.82 -1.08 -0.93
C THR B 203 14.63 -2.05 0.25
N LEU B 204 15.69 -2.35 1.02
CA LEU B 204 15.62 -3.22 2.23
C LEU B 204 15.78 -2.30 3.43
N LEU B 205 14.78 -2.29 4.30
CA LEU B 205 14.71 -1.38 5.47
C LEU B 205 14.71 -2.18 6.78
N VAL B 206 15.44 -1.74 7.80
CA VAL B 206 15.46 -2.43 9.13
C VAL B 206 15.16 -1.38 10.21
N ILE B 207 14.01 -1.54 10.89
CA ILE B 207 13.49 -0.50 11.82
C ILE B 207 13.19 -1.08 13.21
N PRO B 208 13.73 -0.52 14.31
CA PRO B 208 13.39 -0.98 15.64
C PRO B 208 12.02 -0.40 16.05
N ILE B 209 11.10 -1.27 16.43
CA ILE B 209 9.74 -0.86 16.89
C ILE B 209 9.60 -1.10 18.39
N VAL B 210 10.37 -2.00 18.97
CA VAL B 210 10.53 -2.08 20.45
C VAL B 210 12.01 -1.96 20.74
N PRO B 211 12.43 -0.97 21.55
CA PRO B 211 13.85 -0.74 21.80
C PRO B 211 14.57 -1.84 22.57
N LEU B 212 15.90 -1.91 22.40
CA LEU B 212 16.80 -2.91 23.00
C LEU B 212 17.03 -2.61 24.48
N GLU B 213 16.72 -3.57 25.35
CA GLU B 213 16.90 -3.49 26.83
C GLU B 213 17.36 -4.85 27.36
N TYR B 214 17.99 -4.89 28.54
CA TYR B 214 18.68 -6.10 29.06
C TYR B 214 18.87 -6.02 30.59
N ALA B 215 19.09 -7.18 31.19
CA ALA B 215 19.45 -7.31 32.62
C ALA B 215 20.76 -6.58 32.88
N VAL B 216 20.83 -5.89 34.02
CA VAL B 216 21.97 -4.99 34.35
C VAL B 216 23.27 -5.78 34.27
N GLY B 217 24.24 -5.26 33.52
CA GLY B 217 25.57 -5.86 33.42
C GLY B 217 25.75 -6.79 32.22
N ALA B 218 24.67 -7.13 31.50
CA ALA B 218 24.73 -7.92 30.24
C ALA B 218 25.50 -7.13 29.15
N THR B 219 26.01 -7.86 28.16
CA THR B 219 26.72 -7.34 26.94
C THR B 219 25.90 -6.26 26.22
N THR B 220 26.47 -5.07 25.96
CA THR B 220 25.74 -3.85 25.49
C THR B 220 25.92 -3.70 23.99
N PHE B 221 27.04 -4.16 23.47
CA PHE B 221 27.39 -3.97 22.04
C PHE B 221 26.80 -5.08 21.18
N VAL B 222 25.77 -4.77 20.37
CA VAL B 222 24.98 -5.78 19.59
C VAL B 222 24.89 -5.37 18.12
N PRO B 223 25.66 -6.03 17.22
CA PRO B 223 25.59 -5.75 15.78
C PRO B 223 24.37 -6.33 15.04
N ILE B 224 24.05 -5.76 13.89
CA ILE B 224 23.07 -6.31 12.91
C ILE B 224 23.85 -6.50 11.60
N THR B 225 23.64 -7.62 10.90
CA THR B 225 24.44 -8.04 9.71
C THR B 225 23.54 -8.49 8.54
N VAL B 226 23.83 -8.03 7.31
CA VAL B 226 23.01 -8.24 6.09
C VAL B 226 23.84 -8.99 5.05
N THR B 227 23.27 -10.06 4.54
CA THR B 227 23.88 -10.96 3.55
C THR B 227 22.93 -11.15 2.36
N ILE B 228 23.40 -10.97 1.12
CA ILE B 228 22.52 -10.87 -0.08
C ILE B 228 23.04 -11.68 -1.27
N ALA B 229 22.17 -12.37 -1.99
CA ALA B 229 22.56 -13.08 -3.22
C ALA B 229 21.75 -12.59 -4.42
N PRO B 230 22.37 -12.26 -5.57
CA PRO B 230 21.67 -12.22 -6.84
C PRO B 230 21.17 -13.59 -7.28
N MET B 231 20.14 -13.61 -8.10
CA MET B 231 19.43 -14.87 -8.41
C MET B 231 18.74 -14.74 -9.77
N CYS B 232 18.89 -15.73 -10.63
CA CYS B 232 18.29 -15.78 -11.98
C CYS B 232 18.64 -14.53 -12.82
N THR B 233 19.91 -14.18 -12.98
CA THR B 233 20.35 -12.90 -13.64
C THR B 233 20.56 -13.02 -15.17
N GLU B 234 20.27 -11.96 -15.93
CA GLU B 234 20.70 -11.87 -17.34
C GLU B 234 21.02 -10.42 -17.70
N TYR B 235 21.94 -10.20 -18.67
CA TYR B 235 22.39 -8.87 -19.16
C TYR B 235 22.39 -8.75 -20.68
N ASN B 236 22.18 -7.54 -21.20
CA ASN B 236 22.19 -7.22 -22.67
C ASN B 236 22.89 -5.87 -22.95
N GLY B 237 23.37 -5.68 -24.17
CA GLY B 237 23.95 -4.41 -24.64
C GLY B 237 25.35 -4.19 -24.13
N LEU B 238 26.33 -4.97 -24.54
CA LEU B 238 27.73 -4.87 -24.07
C LEU B 238 28.45 -3.68 -24.71
N ARG B 239 29.30 -3.02 -23.94
CA ARG B 239 30.05 -1.79 -24.32
C ARG B 239 31.24 -1.68 -23.37
N ALA B 240 31.84 -0.51 -23.24
CA ALA B 240 32.87 -0.25 -22.22
C ALA B 240 32.17 -0.15 -20.87
N ALA B 241 32.93 -0.01 -19.79
CA ALA B 241 32.40 0.06 -18.40
C ALA B 241 32.07 1.51 -18.09
N VAL B 242 30.90 1.71 -17.42
CA VAL B 242 30.23 3.02 -17.14
C VAL B 242 29.61 3.03 -15.74
N THR B 243 29.78 4.11 -14.96
CA THR B 243 29.22 4.25 -13.57
C THR B 243 28.69 5.67 -13.34
N GLN B 244 27.75 5.78 -12.40
CA GLN B 244 27.26 7.09 -11.89
C GLN B 244 28.19 7.57 -10.76
N GLY C 1 -36.26 10.51 -41.67
CA GLY C 1 -35.87 9.21 -41.03
C GLY C 1 -36.87 8.81 -39.95
N CYS C 2 -36.44 7.99 -38.98
CA CYS C 2 -37.32 7.44 -37.90
C CYS C 2 -37.83 8.56 -37.03
N PRO C 3 -39.14 8.58 -36.71
CA PRO C 3 -39.59 9.52 -35.70
C PRO C 3 -39.03 9.14 -34.33
N THR C 4 -38.64 10.13 -33.56
CA THR C 4 -38.16 9.97 -32.17
C THR C 4 -38.70 11.03 -31.22
N LEU C 5 -38.57 10.83 -29.94
CA LEU C 5 -38.98 11.78 -28.88
C LEU C 5 -37.86 11.85 -27.85
N TYR C 6 -37.35 13.00 -27.44
CA TYR C 6 -36.24 13.06 -26.46
C TYR C 6 -36.75 13.50 -25.07
N THR C 7 -36.34 12.69 -24.08
CA THR C 7 -36.86 12.54 -22.69
C THR C 7 -36.07 13.48 -21.80
N PRO C 8 -36.55 13.78 -20.57
CA PRO C 8 -35.76 14.50 -19.61
C PRO C 8 -34.50 13.73 -19.23
N GLY C 9 -33.48 14.47 -18.80
CA GLY C 9 -32.12 13.97 -18.55
C GLY C 9 -31.28 14.07 -19.79
N SER C 10 -31.80 14.62 -20.88
CA SER C 10 -31.04 14.76 -22.14
C SER C 10 -30.03 15.88 -21.95
N GLY C 11 -28.79 15.60 -22.33
CA GLY C 11 -27.63 16.54 -22.30
C GLY C 11 -26.97 16.69 -20.94
N GLN C 12 -27.34 15.89 -19.93
CA GLN C 12 -26.82 16.02 -18.54
C GLN C 12 -25.49 15.27 -18.44
N PHE C 13 -24.55 15.75 -17.63
CA PHE C 13 -23.25 15.07 -17.39
C PHE C 13 -23.28 14.53 -15.98
N LEU C 14 -23.52 13.23 -15.85
CA LEU C 14 -23.58 12.50 -14.57
C LEU C 14 -22.25 11.77 -14.43
N THR C 15 -21.54 11.95 -13.33
CA THR C 15 -20.13 11.47 -13.28
C THR C 15 -20.05 9.93 -13.24
N THR C 16 -21.03 9.27 -12.63
CA THR C 16 -21.10 7.79 -12.59
C THR C 16 -21.82 7.18 -13.80
N ASP C 17 -22.04 7.90 -14.90
CA ASP C 17 -22.62 7.33 -16.15
C ASP C 17 -21.72 6.28 -16.85
N ASP C 18 -22.25 5.60 -17.86
CA ASP C 18 -21.55 4.49 -18.56
C ASP C 18 -22.05 4.30 -20.00
N PHE C 19 -21.49 5.04 -20.96
CA PHE C 19 -21.86 5.00 -22.41
C PHE C 19 -20.65 4.79 -23.34
N GLN C 20 -20.87 4.31 -24.56
CA GLN C 20 -19.79 4.20 -25.58
C GLN C 20 -19.49 5.57 -26.18
N THR C 21 -18.29 5.82 -26.65
CA THR C 21 -17.89 7.16 -27.17
C THR C 21 -16.89 7.05 -28.32
N PRO C 22 -16.85 8.02 -29.25
CA PRO C 22 -15.78 8.04 -30.25
C PRO C 22 -14.37 8.25 -29.67
N CYS C 23 -13.39 7.53 -30.21
CA CYS C 23 -11.98 7.52 -29.76
C CYS C 23 -11.18 8.57 -30.55
N MET C 24 -10.27 9.30 -29.90
CA MET C 24 -9.41 10.32 -30.54
C MET C 24 -8.45 9.66 -31.55
N LEU C 25 -7.95 8.45 -31.28
CA LEU C 25 -6.99 7.73 -32.17
C LEU C 25 -7.59 6.38 -32.58
N PRO C 26 -8.38 6.25 -33.67
CA PRO C 26 -9.06 4.99 -33.98
C PRO C 26 -8.20 3.79 -34.39
N LYS C 27 -6.97 4.00 -34.87
CA LYS C 27 -6.15 2.89 -35.43
C LYS C 27 -4.98 2.50 -34.52
N PHE C 28 -4.82 3.15 -33.36
CA PHE C 28 -3.71 2.94 -32.41
C PHE C 28 -3.80 1.53 -31.83
N GLN C 29 -2.69 0.78 -31.88
CA GLN C 29 -2.47 -0.57 -31.27
C GLN C 29 -1.54 -0.43 -30.06
N PRO C 30 -1.99 -0.73 -28.82
CA PRO C 30 -1.14 -0.57 -27.63
C PRO C 30 -0.08 -1.65 -27.41
N THR C 31 0.90 -1.41 -26.54
CA THR C 31 1.99 -2.38 -26.23
C THR C 31 1.39 -3.65 -25.65
N PRO C 32 2.08 -4.82 -25.70
CA PRO C 32 1.61 -6.04 -25.05
C PRO C 32 1.54 -5.94 -23.52
N VAL C 33 0.70 -6.79 -22.93
CA VAL C 33 0.70 -7.05 -21.46
C VAL C 33 1.84 -8.02 -21.15
N ILE C 34 2.67 -7.75 -20.15
CA ILE C 34 3.77 -8.67 -19.73
C ILE C 34 3.48 -9.30 -18.37
N ASP C 35 4.23 -10.32 -18.04
CA ASP C 35 4.07 -11.00 -16.75
C ASP C 35 4.66 -10.16 -15.62
N ILE C 36 3.86 -9.64 -14.71
CA ILE C 36 4.33 -8.86 -13.52
C ILE C 36 3.81 -9.51 -12.24
N PRO C 37 4.62 -9.72 -11.15
CA PRO C 37 4.06 -10.27 -9.91
C PRO C 37 3.11 -9.31 -9.17
N GLY C 38 2.11 -9.88 -8.51
CA GLY C 38 1.30 -9.15 -7.51
C GLY C 38 0.14 -8.39 -8.12
N GLU C 39 -0.55 -9.00 -9.08
CA GLU C 39 -1.78 -8.44 -9.67
C GLU C 39 -2.91 -8.47 -8.64
N VAL C 40 -3.71 -7.41 -8.58
CA VAL C 40 -4.87 -7.31 -7.66
C VAL C 40 -6.13 -7.06 -8.48
N LYS C 41 -7.23 -7.68 -8.08
CA LYS C 41 -8.51 -7.56 -8.80
C LYS C 41 -9.59 -6.92 -7.94
N ASN C 42 -9.47 -6.99 -6.61
CA ASN C 42 -10.49 -6.50 -5.67
C ASN C 42 -9.76 -6.01 -4.41
N PHE C 43 -10.13 -4.86 -3.88
CA PHE C 43 -9.50 -4.35 -2.64
C PHE C 43 -9.91 -5.14 -1.38
N LEU C 44 -10.90 -6.02 -1.42
CA LEU C 44 -11.09 -6.99 -0.32
C LEU C 44 -9.85 -7.88 -0.13
N GLU C 45 -9.08 -8.13 -1.17
CA GLU C 45 -7.83 -8.91 -0.99
C GLU C 45 -6.82 -8.16 -0.11
N VAL C 46 -6.85 -6.84 -0.09
CA VAL C 46 -5.79 -6.02 0.56
C VAL C 46 -6.18 -5.83 2.03
N ILE C 47 -7.44 -5.56 2.28
CA ILE C 47 -8.04 -5.26 3.61
C ILE C 47 -7.89 -6.49 4.52
N GLN C 48 -7.66 -7.66 3.95
CA GLN C 48 -7.53 -8.92 4.71
C GLN C 48 -6.12 -9.10 5.30
N VAL C 49 -5.17 -8.20 5.01
CA VAL C 49 -3.79 -8.17 5.61
C VAL C 49 -3.78 -7.42 6.95
N GLU C 50 -3.04 -7.92 7.93
CA GLU C 50 -2.87 -7.26 9.27
C GLU C 50 -2.07 -5.95 9.17
N SER C 51 -2.44 -4.94 9.94
CA SER C 51 -1.63 -3.69 10.09
C SER C 51 -1.64 -3.17 11.54
N LEU C 52 -0.69 -2.34 11.98
CA LEU C 52 -0.57 -1.95 13.41
C LEU C 52 -1.56 -0.87 13.78
N VAL C 53 -2.08 -0.93 15.00
CA VAL C 53 -3.08 0.01 15.58
C VAL C 53 -2.33 1.08 16.42
N GLU C 54 -2.71 2.33 16.28
CA GLU C 54 -2.06 3.47 16.99
C GLU C 54 -2.69 3.61 18.40
N ILE C 55 -2.49 2.61 19.26
CA ILE C 55 -3.33 2.37 20.47
C ILE C 55 -2.96 3.33 21.63
N ASN C 56 -1.72 3.81 21.73
CA ASN C 56 -1.24 4.64 22.89
C ASN C 56 -1.32 6.12 22.51
N ASN C 57 -2.49 6.57 22.05
CA ASN C 57 -2.71 7.94 21.51
C ASN C 57 -3.04 8.90 22.65
N VAL C 58 -2.03 9.26 23.44
CA VAL C 58 -2.22 10.22 24.57
C VAL C 58 -1.20 11.37 24.43
N SER C 59 -1.46 12.51 25.10
CA SER C 59 -0.86 13.84 24.86
C SER C 59 0.67 13.79 24.75
N GLY C 60 1.37 13.16 25.70
CA GLY C 60 2.84 13.23 25.79
C GLY C 60 3.55 12.18 24.96
N VAL C 61 2.85 11.46 24.10
CA VAL C 61 3.41 10.25 23.41
C VAL C 61 3.44 10.55 21.91
N GLU C 62 4.61 10.34 21.30
CA GLU C 62 4.89 10.81 19.92
C GLU C 62 5.65 9.78 19.10
N GLY C 63 5.32 9.70 17.81
CA GLY C 63 6.00 8.81 16.85
C GLY C 63 5.86 7.34 17.22
N VAL C 64 6.92 6.55 17.04
CA VAL C 64 6.82 5.07 17.06
C VAL C 64 6.34 4.58 18.44
N ALA C 65 6.60 5.34 19.51
CA ALA C 65 6.10 5.03 20.86
C ALA C 65 4.57 4.91 20.94
N ARG C 66 3.82 5.47 20.00
CA ARG C 66 2.34 5.39 20.01
C ARG C 66 1.82 4.01 19.59
N TYR C 67 2.66 3.10 19.07
CA TYR C 67 2.24 1.72 18.67
C TYR C 67 2.36 0.71 19.83
N ARG C 68 2.98 1.03 20.97
CA ARG C 68 3.28 0.06 22.06
C ARG C 68 2.25 0.18 23.19
N ILE C 69 1.72 -0.97 23.69
CA ILE C 69 0.94 -1.08 24.97
C ILE C 69 1.92 -1.42 26.08
N PRO C 70 1.99 -0.69 27.20
CA PRO C 70 2.79 -1.10 28.36
C PRO C 70 2.23 -2.26 29.22
N LEU C 71 3.14 -3.10 29.72
CA LEU C 71 2.92 -4.07 30.83
C LEU C 71 3.95 -3.80 31.92
N ASN C 72 3.63 -4.06 33.19
CA ASN C 72 4.65 -3.99 34.26
C ASN C 72 4.27 -4.89 35.43
N VAL C 73 5.26 -5.24 36.24
CA VAL C 73 5.07 -6.08 37.45
C VAL C 73 4.19 -5.34 38.47
N GLN C 74 3.06 -5.97 38.83
CA GLN C 74 2.00 -5.49 39.76
C GLN C 74 2.27 -5.82 41.24
N ASP C 75 1.64 -5.05 42.12
CA ASP C 75 1.65 -5.28 43.59
C ASP C 75 0.22 -5.38 44.13
N ALA C 76 -0.80 -5.47 43.26
CA ALA C 76 -2.23 -5.74 43.57
C ALA C 76 -2.88 -6.54 42.43
N MET C 77 -4.13 -6.96 42.58
CA MET C 77 -4.73 -8.02 41.72
C MET C 77 -5.81 -7.45 40.77
N ASP C 78 -5.97 -8.13 39.63
CA ASP C 78 -7.10 -8.04 38.65
C ASP C 78 -7.09 -6.70 37.87
N GLY C 79 -5.97 -6.00 37.75
CA GLY C 79 -5.91 -4.63 37.15
C GLY C 79 -6.15 -4.53 35.63
N GLN C 80 -6.49 -3.32 35.13
CA GLN C 80 -6.80 -3.10 33.69
C GLN C 80 -5.55 -2.66 32.89
N ILE C 81 -5.39 -3.15 31.66
CA ILE C 81 -4.24 -2.83 30.75
C ILE C 81 -4.67 -1.79 29.68
N MET C 82 -5.70 -2.03 28.85
CA MET C 82 -6.24 -1.03 27.88
C MET C 82 -7.73 -1.26 27.60
N ALA C 83 -8.35 -0.26 26.94
CA ALA C 83 -9.71 -0.26 26.35
C ALA C 83 -9.72 0.43 24.97
N VAL C 84 -10.65 0.08 24.09
CA VAL C 84 -10.88 0.84 22.81
C VAL C 84 -12.25 0.48 22.25
N ARG C 85 -12.90 1.32 21.45
CA ARG C 85 -14.18 0.96 20.77
C ARG C 85 -13.86 0.20 19.48
N VAL C 86 -14.64 -0.82 19.12
CA VAL C 86 -14.26 -1.76 18.03
C VAL C 86 -14.58 -1.16 16.66
N ASP C 87 -15.37 -0.08 16.61
CA ASP C 87 -15.93 0.53 15.37
C ASP C 87 -14.83 0.98 14.39
N PRO C 88 -14.73 0.38 13.18
CA PRO C 88 -13.59 0.51 12.27
C PRO C 88 -13.52 1.82 11.48
N GLY C 89 -14.65 2.49 11.26
CA GLY C 89 -14.69 3.77 10.53
C GLY C 89 -14.64 4.97 11.48
N ALA C 90 -14.65 4.72 12.78
CA ALA C 90 -14.75 5.79 13.80
C ALA C 90 -13.41 6.54 13.91
N ASP C 91 -13.43 7.84 14.22
CA ASP C 91 -12.18 8.57 14.59
C ASP C 91 -11.56 7.98 15.87
N GLY C 92 -10.22 7.85 15.90
CA GLY C 92 -9.46 7.31 17.04
C GLY C 92 -8.37 6.35 16.59
N PRO C 93 -7.95 5.38 17.43
CA PRO C 93 -6.81 4.51 17.14
C PRO C 93 -6.86 3.75 15.81
N MET C 94 -8.04 3.43 15.31
CA MET C 94 -8.18 2.52 14.14
C MET C 94 -8.01 3.32 12.84
N GLN C 95 -8.05 4.65 12.89
CA GLN C 95 -8.39 5.44 11.66
C GLN C 95 -7.22 5.42 10.66
N SER C 96 -5.99 5.32 11.17
CA SER C 96 -4.76 5.28 10.34
C SER C 96 -4.43 3.88 9.81
N THR C 97 -5.16 2.80 10.12
CA THR C 97 -4.84 1.41 9.72
C THR C 97 -5.25 1.19 8.26
N LEU C 98 -4.76 0.14 7.61
CA LEU C 98 -5.23 -0.19 6.25
C LEU C 98 -6.74 -0.34 6.26
N LEU C 99 -7.26 -1.18 7.15
CA LEU C 99 -8.70 -1.51 7.32
C LEU C 99 -9.45 -0.20 7.62
N GLY C 100 -8.84 0.71 8.35
CA GLY C 100 -9.46 1.99 8.69
C GLY C 100 -9.58 2.93 7.50
N VAL C 101 -8.50 3.09 6.74
CA VAL C 101 -8.49 4.00 5.53
C VAL C 101 -9.49 3.51 4.46
N PHE C 102 -9.49 2.25 4.07
CA PHE C 102 -10.50 1.76 3.12
C PHE C 102 -11.90 1.87 3.70
N THR C 103 -12.10 1.79 5.00
CA THR C 103 -13.46 1.84 5.58
C THR C 103 -13.91 3.29 5.51
N ARG C 104 -12.97 4.22 5.58
CA ARG C 104 -13.34 5.64 5.43
C ARG C 104 -13.60 6.04 3.96
N TYR C 105 -13.45 5.15 3.00
CA TYR C 105 -13.88 5.46 1.60
C TYR C 105 -15.33 5.07 1.37
N TYR C 106 -16.01 4.45 2.34
CA TYR C 106 -17.37 3.87 2.12
C TYR C 106 -18.36 4.20 3.26
N THR C 107 -19.68 4.17 3.03
CA THR C 107 -20.64 4.57 4.08
C THR C 107 -21.08 3.38 4.91
N GLN C 108 -21.08 2.13 4.42
CA GLN C 108 -21.64 0.99 5.20
C GLN C 108 -20.69 -0.22 5.21
N TRP C 109 -20.71 -1.02 6.29
CA TRP C 109 -19.82 -2.19 6.52
C TRP C 109 -20.57 -3.37 7.13
N SER C 110 -20.05 -4.57 6.94
CA SER C 110 -20.55 -5.82 7.54
C SER C 110 -19.39 -6.80 7.67
N GLY C 111 -19.34 -7.63 8.72
CA GLY C 111 -18.50 -8.85 8.83
C GLY C 111 -17.70 -8.94 10.13
N SER C 112 -17.01 -10.06 10.34
CA SER C 112 -16.24 -10.35 11.56
C SER C 112 -14.90 -9.65 11.47
N LEU C 113 -14.26 -9.38 12.59
CA LEU C 113 -12.89 -8.77 12.66
C LEU C 113 -11.88 -9.70 13.33
N ASP C 114 -10.63 -9.59 12.96
CA ASP C 114 -9.49 -10.35 13.53
C ASP C 114 -8.60 -9.36 14.27
N PHE C 115 -8.49 -9.53 15.57
CA PHE C 115 -7.48 -8.79 16.36
C PHE C 115 -6.39 -9.74 16.86
N THR C 116 -5.13 -9.37 16.71
CA THR C 116 -3.99 -10.27 17.02
C THR C 116 -2.94 -9.50 17.78
N PHE C 117 -2.40 -10.11 18.84
CA PHE C 117 -1.46 -9.44 19.77
C PHE C 117 -0.17 -10.25 19.87
N MET C 118 0.97 -9.59 20.03
CA MET C 118 2.33 -10.22 20.09
C MET C 118 3.10 -9.70 21.32
N PHE C 119 3.72 -10.59 22.09
CA PHE C 119 4.48 -10.19 23.31
C PHE C 119 5.97 -10.00 22.99
N CYS C 120 6.56 -8.93 23.54
CA CYS C 120 7.96 -8.55 23.24
C CYS C 120 8.76 -8.37 24.53
N GLY C 121 8.59 -9.25 25.52
CA GLY C 121 9.49 -9.26 26.71
C GLY C 121 10.71 -10.13 26.49
N THR C 122 11.52 -10.38 27.52
CA THR C 122 12.63 -11.39 27.44
C THR C 122 12.09 -12.83 27.42
N PHE C 123 12.96 -13.78 27.18
CA PHE C 123 12.63 -15.24 27.18
C PHE C 123 12.22 -15.66 28.59
N MET C 124 12.82 -15.06 29.60
CA MET C 124 12.59 -15.45 31.01
C MET C 124 11.31 -14.85 31.57
N THR C 125 10.69 -13.86 30.91
CA THR C 125 9.48 -13.16 31.46
C THR C 125 8.27 -14.06 31.30
N THR C 126 7.39 -14.13 32.30
CA THR C 126 6.12 -14.89 32.16
C THR C 126 4.90 -14.04 32.54
N GLY C 127 3.70 -14.47 32.12
CA GLY C 127 2.41 -13.97 32.62
C GLY C 127 1.21 -14.49 31.83
N LYS C 128 0.02 -14.15 32.30
CA LYS C 128 -1.26 -14.46 31.62
C LYS C 128 -2.13 -13.23 31.61
N VAL C 129 -2.83 -12.98 30.50
CA VAL C 129 -3.80 -11.87 30.41
C VAL C 129 -5.14 -12.36 29.86
N ILE C 130 -6.23 -11.62 30.13
CA ILE C 130 -7.58 -11.93 29.57
C ILE C 130 -8.08 -10.78 28.68
N ILE C 131 -8.51 -11.10 27.46
CA ILE C 131 -8.97 -10.11 26.45
C ILE C 131 -10.45 -10.36 26.17
N ALA C 132 -11.33 -9.36 26.33
CA ALA C 132 -12.79 -9.52 26.19
C ALA C 132 -13.43 -8.54 25.19
N TYR C 133 -14.38 -9.02 24.40
CA TYR C 133 -15.33 -8.21 23.58
C TYR C 133 -16.69 -8.10 24.27
N THR C 134 -17.20 -6.88 24.44
CA THR C 134 -18.50 -6.56 25.08
C THR C 134 -19.44 -6.01 24.03
N PRO C 135 -20.55 -6.71 23.67
CA PRO C 135 -21.57 -6.16 22.77
C PRO C 135 -22.25 -4.91 23.31
N PRO C 136 -23.00 -4.17 22.46
CA PRO C 136 -23.55 -2.88 22.87
C PRO C 136 -24.64 -2.92 23.95
N GLY C 137 -24.86 -1.81 24.67
CA GLY C 137 -25.97 -1.72 25.64
C GLY C 137 -25.66 -0.77 26.76
N GLY C 138 -24.38 -0.60 27.10
CA GLY C 138 -23.96 0.46 28.02
C GLY C 138 -22.52 0.95 27.80
N ASP C 139 -21.89 1.29 28.93
CA ASP C 139 -20.50 1.80 28.97
C ASP C 139 -19.55 0.60 28.92
N GLN C 140 -18.25 0.87 28.85
CA GLN C 140 -17.24 -0.20 28.94
C GLN C 140 -17.29 -0.80 30.34
N PRO C 141 -17.06 -2.13 30.47
CA PRO C 141 -17.08 -2.82 31.76
C PRO C 141 -16.02 -2.28 32.73
N GLY C 142 -16.41 -2.12 33.99
CA GLY C 142 -15.62 -1.45 35.04
C GLY C 142 -14.77 -2.43 35.86
N SER C 143 -14.88 -3.73 35.65
CA SER C 143 -14.05 -4.68 36.44
C SER C 143 -13.86 -5.96 35.66
N ARG C 144 -12.97 -6.85 36.13
CA ARG C 144 -12.66 -8.09 35.39
C ARG C 144 -13.86 -9.05 35.44
N GLN C 145 -14.65 -9.10 36.53
CA GLN C 145 -15.89 -9.91 36.59
C GLN C 145 -16.86 -9.41 35.54
N GLN C 146 -17.03 -8.11 35.39
CA GLN C 146 -18.01 -7.58 34.43
C GLN C 146 -17.55 -7.88 33.01
N ALA C 147 -16.24 -7.81 32.74
CA ALA C 147 -15.70 -8.04 31.39
C ALA C 147 -15.85 -9.51 31.01
N MET C 148 -15.52 -10.47 31.88
CA MET C 148 -15.44 -11.91 31.50
C MET C 148 -16.84 -12.50 31.29
N LEU C 149 -17.93 -11.77 31.51
CA LEU C 149 -19.28 -12.27 31.12
C LEU C 149 -19.51 -12.24 29.60
N GLY C 150 -18.73 -11.51 28.80
CA GLY C 150 -18.85 -11.53 27.34
C GLY C 150 -17.85 -12.46 26.67
N THR C 151 -17.69 -12.34 25.35
CA THR C 151 -16.81 -13.19 24.51
C THR C 151 -15.35 -12.93 24.90
N HIS C 152 -14.55 -13.93 25.28
CA HIS C 152 -13.18 -13.65 25.77
C HIS C 152 -12.17 -14.76 25.43
N VAL C 153 -10.87 -14.47 25.62
CA VAL C 153 -9.76 -15.44 25.54
C VAL C 153 -8.83 -15.23 26.73
N VAL C 154 -8.26 -16.31 27.23
CA VAL C 154 -7.08 -16.26 28.14
C VAL C 154 -5.81 -16.65 27.40
N TRP C 155 -4.80 -15.79 27.50
CA TRP C 155 -3.53 -15.88 26.74
C TRP C 155 -2.40 -16.21 27.71
N ASP C 156 -1.62 -17.27 27.44
CA ASP C 156 -0.42 -17.61 28.23
C ASP C 156 0.85 -17.32 27.42
N PHE C 157 1.79 -16.50 27.91
CA PHE C 157 3.05 -16.20 27.16
C PHE C 157 3.99 -17.41 27.19
N GLY C 158 4.27 -17.99 26.02
CA GLY C 158 5.31 -19.01 25.91
C GLY C 158 6.02 -18.94 24.58
N LEU C 159 6.20 -20.09 23.96
CA LEU C 159 7.00 -20.26 22.73
C LEU C 159 6.31 -19.58 21.56
N GLN C 160 5.06 -19.92 21.31
CA GLN C 160 4.21 -19.22 20.31
C GLN C 160 3.92 -17.80 20.82
N SER C 161 4.39 -16.80 20.09
CA SER C 161 4.59 -15.42 20.59
C SER C 161 3.26 -14.68 20.68
N SER C 162 2.24 -15.14 19.95
CA SER C 162 1.06 -14.36 19.54
C SER C 162 -0.27 -15.08 19.75
N ILE C 163 -1.36 -14.33 19.85
CA ILE C 163 -2.74 -14.87 19.96
C ILE C 163 -3.74 -14.04 19.16
N THR C 164 -4.77 -14.70 18.65
CA THR C 164 -5.90 -14.04 17.96
C THR C 164 -7.17 -14.08 18.81
N LEU C 165 -7.83 -12.95 18.96
CA LEU C 165 -9.27 -12.89 19.31
C LEU C 165 -10.09 -12.56 18.05
N VAL C 166 -11.15 -13.32 17.82
CA VAL C 166 -12.11 -13.00 16.74
C VAL C 166 -13.33 -12.30 17.33
N VAL C 167 -13.64 -11.12 16.79
CA VAL C 167 -14.84 -10.31 17.15
C VAL C 167 -15.88 -10.65 16.10
N PRO C 168 -16.89 -11.46 16.47
CA PRO C 168 -17.83 -12.00 15.50
C PRO C 168 -18.92 -10.97 15.19
N TRP C 169 -19.52 -11.05 13.99
CA TRP C 169 -20.60 -10.11 13.58
C TRP C 169 -21.89 -10.40 14.35
N ILE C 170 -22.18 -9.59 15.37
CA ILE C 170 -23.43 -9.64 16.19
C ILE C 170 -24.12 -8.30 16.00
N SER C 171 -25.13 -8.27 15.15
CA SER C 171 -25.81 -7.02 14.73
C SER C 171 -27.32 -7.26 14.60
N SER C 172 -28.13 -6.21 14.73
CA SER C 172 -29.58 -6.29 14.49
C SER C 172 -29.87 -6.38 12.98
N GLY C 173 -29.31 -5.46 12.16
CA GLY C 173 -29.45 -5.43 10.68
C GLY C 173 -28.28 -6.06 9.92
N HIS C 174 -28.35 -6.17 8.58
CA HIS C 174 -27.27 -6.81 7.77
C HIS C 174 -26.04 -5.91 7.60
N PHE C 175 -26.19 -4.62 7.79
CA PHE C 175 -25.10 -3.64 7.63
C PHE C 175 -25.11 -2.60 8.75
N ARG C 176 -24.00 -1.93 8.99
CA ARG C 176 -23.85 -0.79 9.91
C ARG C 176 -23.24 0.41 9.15
N GLY C 177 -23.51 1.62 9.60
CA GLY C 177 -22.83 2.84 9.14
C GLY C 177 -21.39 2.91 9.62
N THR C 178 -20.51 3.58 8.87
CA THR C 178 -19.06 3.73 9.16
C THR C 178 -18.83 4.94 10.08
N SER C 179 -19.60 6.04 9.96
CA SER C 179 -19.47 7.19 10.89
C SER C 179 -20.28 6.91 12.15
N LEU C 180 -20.02 7.65 13.23
CA LEU C 180 -20.78 7.56 14.50
C LEU C 180 -21.07 8.99 14.93
N ASP C 181 -21.55 9.80 14.00
CA ASP C 181 -21.54 11.26 14.22
C ASP C 181 -22.98 11.67 14.46
N ASN C 182 -23.21 12.36 15.57
CA ASN C 182 -24.49 12.41 16.30
C ASN C 182 -25.17 13.77 16.10
N THR C 183 -24.45 14.77 15.59
CA THR C 183 -24.93 16.18 15.47
C THR C 183 -26.05 16.35 14.44
N ILE C 184 -26.14 15.49 13.42
CA ILE C 184 -27.11 15.68 12.30
C ILE C 184 -27.97 14.40 12.16
N TYR C 185 -27.31 13.27 11.93
CA TYR C 185 -27.99 12.01 11.54
C TYR C 185 -28.20 11.02 12.70
N LYS C 186 -27.80 11.35 13.93
CA LYS C 186 -27.98 10.48 15.12
C LYS C 186 -27.37 9.08 14.89
N TYR C 187 -26.21 9.00 14.25
CA TYR C 187 -25.66 7.70 13.78
C TYR C 187 -24.95 6.96 14.91
N ARG C 188 -24.89 7.53 16.10
CA ARG C 188 -24.46 6.84 17.35
C ARG C 188 -25.32 5.59 17.57
N TYR C 189 -26.49 5.48 16.95
CA TYR C 189 -27.36 4.29 16.83
C TYR C 189 -26.56 3.07 16.46
N TYR C 190 -25.56 3.19 15.60
CA TYR C 190 -24.80 2.02 15.09
C TYR C 190 -23.58 1.62 15.94
N GLU C 191 -23.33 2.15 17.13
CA GLU C 191 -22.10 1.81 17.91
C GLU C 191 -22.05 0.29 18.22
N ALA C 192 -20.86 -0.33 18.06
CA ALA C 192 -20.67 -1.79 17.87
C ALA C 192 -20.07 -2.47 19.10
N GLY C 193 -19.74 -1.77 20.19
CA GLY C 193 -19.18 -2.43 21.40
C GLY C 193 -17.73 -2.08 21.67
N TYR C 194 -17.16 -2.68 22.73
CA TYR C 194 -15.79 -2.34 23.23
C TYR C 194 -14.93 -3.59 23.33
N ILE C 195 -13.62 -3.40 23.27
CA ILE C 195 -12.62 -4.46 23.62
C ILE C 195 -11.70 -3.97 24.73
N THR C 196 -11.47 -4.82 25.73
CA THR C 196 -10.71 -4.47 26.97
C THR C 196 -9.76 -5.60 27.36
N MET C 197 -8.69 -5.29 28.11
CA MET C 197 -7.62 -6.25 28.49
C MET C 197 -7.27 -6.10 29.97
N TRP C 198 -7.22 -7.21 30.70
CA TRP C 198 -6.98 -7.24 32.17
C TRP C 198 -5.88 -8.24 32.54
N TYR C 199 -5.21 -8.07 33.67
CA TYR C 199 -4.29 -9.13 34.20
C TYR C 199 -5.09 -10.35 34.70
N GLN C 200 -4.70 -11.54 34.29
CA GLN C 200 -5.27 -12.81 34.80
C GLN C 200 -4.46 -13.26 36.01
N THR C 201 -3.12 -13.21 35.92
CA THR C 201 -2.19 -13.45 37.06
C THR C 201 -1.35 -12.19 37.27
N ASN C 202 -0.12 -12.11 36.75
CA ASN C 202 0.83 -10.99 36.92
C ASN C 202 1.96 -11.25 35.94
N MET C 203 2.74 -10.23 35.58
CA MET C 203 4.01 -10.36 34.83
C MET C 203 5.11 -10.69 35.85
N VAL C 204 5.88 -11.76 35.68
CA VAL C 204 6.89 -12.21 36.68
C VAL C 204 8.28 -12.28 36.05
N VAL C 205 9.31 -11.78 36.74
CA VAL C 205 10.69 -11.71 36.15
C VAL C 205 11.75 -12.20 37.14
N PRO C 206 12.96 -12.61 36.64
CA PRO C 206 14.11 -12.85 37.51
C PRO C 206 14.76 -11.61 38.10
N PRO C 207 15.84 -11.75 38.92
CA PRO C 207 16.48 -10.59 39.54
C PRO C 207 17.26 -9.72 38.53
N ASN C 208 17.17 -8.40 38.71
CA ASN C 208 17.83 -7.34 37.88
C ASN C 208 17.30 -7.29 36.43
N PHE C 209 16.19 -7.94 36.09
CA PHE C 209 15.60 -7.89 34.72
C PHE C 209 14.85 -6.57 34.51
N PRO C 210 14.52 -6.21 33.24
CA PRO C 210 13.55 -5.15 32.92
C PRO C 210 12.14 -5.46 33.46
N THR C 211 11.64 -4.61 34.36
CA THR C 211 10.32 -4.75 35.03
C THR C 211 9.17 -4.18 34.17
N GLU C 212 9.45 -3.70 32.95
CA GLU C 212 8.42 -3.19 32.01
C GLU C 212 8.62 -3.82 30.63
N ALA C 213 7.55 -4.23 29.99
CA ALA C 213 7.57 -4.88 28.66
C ALA C 213 6.43 -4.34 27.80
N SER C 214 6.46 -4.61 26.50
CA SER C 214 5.52 -4.05 25.49
C SER C 214 4.76 -5.14 24.74
N ILE C 215 3.52 -4.84 24.40
CA ILE C 215 2.69 -5.60 23.40
C ILE C 215 2.44 -4.75 22.14
N LEU C 216 2.25 -5.41 21.00
CA LEU C 216 1.91 -4.76 19.71
C LEU C 216 0.58 -5.35 19.27
N MET C 217 -0.27 -4.54 18.62
CA MET C 217 -1.67 -4.91 18.31
C MET C 217 -1.96 -4.75 16.81
N PHE C 218 -2.41 -5.82 16.18
CA PHE C 218 -2.66 -5.93 14.73
C PHE C 218 -4.18 -6.04 14.43
N VAL C 219 -4.74 -5.41 13.38
CA VAL C 219 -6.16 -5.65 13.00
C VAL C 219 -6.33 -5.99 11.51
N ALA C 220 -7.26 -6.88 11.19
CA ALA C 220 -7.60 -7.25 9.79
C ALA C 220 -9.07 -7.66 9.64
N ALA C 221 -9.56 -7.70 8.39
CA ALA C 221 -10.93 -8.16 8.11
C ALA C 221 -10.93 -9.68 7.99
N GLN C 222 -12.07 -10.33 8.24
CA GLN C 222 -12.22 -11.79 8.01
C GLN C 222 -12.86 -12.03 6.65
N PRO C 223 -12.87 -13.27 6.13
CA PRO C 223 -13.52 -13.54 4.85
C PRO C 223 -15.02 -13.34 4.66
N ASN C 224 -15.78 -12.84 5.62
CA ASN C 224 -17.21 -12.57 5.41
C ASN C 224 -17.36 -11.05 5.38
N PHE C 225 -16.28 -10.30 5.23
CA PHE C 225 -16.37 -8.83 5.38
C PHE C 225 -16.71 -8.14 4.06
N SER C 226 -17.47 -7.04 4.04
CA SER C 226 -17.73 -6.26 2.79
C SER C 226 -18.20 -4.83 3.03
N LEU C 227 -18.21 -4.00 1.99
CA LEU C 227 -18.41 -2.51 2.04
C LEU C 227 -19.41 -2.03 0.98
N ARG C 228 -20.19 -0.97 1.24
CA ARG C 228 -21.10 -0.38 0.22
C ARG C 228 -21.08 1.15 0.20
N ILE C 229 -21.37 1.74 -0.97
CA ILE C 229 -21.61 3.19 -1.28
C ILE C 229 -20.32 4.00 -1.10
N LEU C 230 -19.56 4.22 -2.17
CA LEU C 230 -18.28 4.95 -2.12
C LEU C 230 -18.51 6.46 -1.87
N LYS C 231 -17.62 7.11 -1.13
CA LYS C 231 -17.71 8.54 -0.72
C LYS C 231 -16.31 9.11 -0.57
N ASP C 232 -16.11 10.41 -0.38
CA ASP C 232 -14.73 10.96 -0.46
C ASP C 232 -14.12 10.92 0.94
N ARG C 233 -12.94 10.29 1.03
CA ARG C 233 -12.12 10.15 2.27
C ARG C 233 -11.87 11.53 2.91
N PRO C 234 -12.27 11.76 4.18
CA PRO C 234 -12.25 13.09 4.78
C PRO C 234 -10.87 13.61 5.20
N ASP C 235 -9.91 12.66 5.29
CA ASP C 235 -8.49 12.95 5.59
C ASP C 235 -7.94 13.67 4.34
N ILE D 30 -23.48 -5.11 -28.06
CA ILE D 30 -23.04 -4.63 -29.41
C ILE D 30 -22.11 -3.41 -29.27
N ASN D 31 -21.04 -3.42 -30.02
CA ASN D 31 -20.11 -2.28 -30.00
C ASN D 31 -20.27 -1.43 -31.26
N TYR D 32 -20.47 -0.13 -31.15
CA TYR D 32 -20.72 0.75 -32.31
C TYR D 32 -19.42 1.26 -32.92
N TYR D 33 -18.29 1.32 -32.20
CA TYR D 33 -17.07 2.00 -32.69
C TYR D 33 -15.99 0.97 -33.00
N GLU D 34 -14.93 1.43 -33.67
CA GLU D 34 -13.82 0.59 -34.20
C GLU D 34 -12.84 0.17 -33.08
N ASN D 35 -12.26 1.07 -32.30
CA ASN D 35 -11.22 0.75 -31.29
C ASN D 35 -11.82 0.39 -29.90
N ALA D 36 -11.23 -0.56 -29.19
CA ALA D 36 -11.74 -1.00 -27.88
C ALA D 36 -11.70 0.11 -26.83
N ALA D 37 -10.89 1.15 -26.94
CA ALA D 37 -10.96 2.26 -25.96
C ALA D 37 -12.35 2.93 -25.97
N SER D 38 -13.12 2.80 -27.05
CA SER D 38 -14.48 3.35 -27.19
C SER D 38 -15.49 2.60 -26.33
N ASN D 39 -15.25 1.36 -25.92
CA ASN D 39 -16.28 0.49 -25.30
C ASN D 39 -16.64 0.96 -23.88
N SER D 40 -17.75 0.48 -23.34
CA SER D 40 -18.26 0.84 -21.98
C SER D 40 -17.49 0.06 -20.88
N LEU D 41 -17.79 0.26 -19.59
CA LEU D 41 -17.02 -0.34 -18.45
C LEU D 41 -17.17 -1.87 -18.39
N ASN D 42 -16.18 -2.57 -17.82
CA ASN D 42 -16.23 -4.05 -17.64
C ASN D 42 -17.32 -4.46 -16.62
N LYS D 43 -17.94 -5.61 -16.83
CA LYS D 43 -18.93 -6.20 -15.88
C LYS D 43 -18.46 -7.54 -15.28
N GLN D 44 -17.17 -7.72 -14.98
CA GLN D 44 -16.65 -8.98 -14.36
C GLN D 44 -16.10 -8.67 -12.94
N ASP D 45 -17.01 -8.47 -12.00
CA ASP D 45 -16.71 -7.82 -10.70
C ASP D 45 -16.60 -8.88 -9.60
N PHE D 46 -15.76 -9.88 -9.80
CA PHE D 46 -15.51 -10.93 -8.77
C PHE D 46 -14.32 -10.57 -7.86
N THR D 47 -14.07 -11.36 -6.82
CA THR D 47 -12.82 -11.35 -5.97
C THR D 47 -12.14 -12.72 -6.07
N GLN D 48 -10.94 -12.81 -5.51
CA GLN D 48 -10.17 -14.07 -5.51
C GLN D 48 -9.44 -14.31 -4.19
N ASP D 49 -8.92 -15.52 -4.05
CA ASP D 49 -8.23 -15.99 -2.83
C ASP D 49 -7.04 -15.06 -2.55
N PRO D 50 -6.90 -14.47 -1.34
CA PRO D 50 -5.89 -13.46 -1.06
C PRO D 50 -4.50 -13.95 -0.59
N ASP D 51 -4.22 -15.25 -0.65
CA ASP D 51 -3.02 -15.88 -0.02
C ASP D 51 -1.72 -15.34 -0.61
N LYS D 52 -1.65 -14.85 -1.85
CA LYS D 52 -0.42 -14.20 -2.40
C LYS D 52 -0.02 -12.97 -1.55
N PHE D 53 -0.93 -12.33 -0.82
CA PHE D 53 -0.61 -11.18 0.05
C PHE D 53 -0.68 -11.55 1.54
N THR D 54 -1.52 -12.48 1.93
CA THR D 54 -1.80 -12.77 3.35
C THR D 54 -0.91 -13.89 3.90
N ARG D 55 -0.51 -14.90 3.11
CA ARG D 55 0.28 -16.04 3.65
C ARG D 55 1.38 -16.47 2.67
N PRO D 56 2.31 -15.57 2.30
CA PRO D 56 3.27 -15.88 1.24
C PRO D 56 4.52 -16.60 1.79
N VAL D 57 4.34 -17.78 2.36
CA VAL D 57 5.45 -18.51 3.04
C VAL D 57 5.76 -19.83 2.34
N ALA D 58 7.02 -20.26 2.41
CA ALA D 58 7.56 -21.39 1.64
C ALA D 58 6.99 -22.73 2.11
N ASP D 59 6.83 -22.93 3.44
CA ASP D 59 6.27 -24.15 4.09
C ASP D 59 4.90 -23.87 4.73
N ILE D 60 3.92 -24.73 4.49
CA ILE D 60 2.51 -24.65 4.98
C ILE D 60 2.39 -24.79 6.50
N MET D 61 1.52 -23.98 7.11
CA MET D 61 1.21 -23.98 8.56
C MET D 61 -0.31 -24.08 8.78
N LYS D 62 -0.81 -25.29 9.03
CA LYS D 62 -2.27 -25.57 9.16
C LYS D 62 -2.90 -24.89 10.39
N GLU D 63 -4.18 -24.52 10.28
CA GLU D 63 -4.97 -23.77 11.32
C GLU D 63 -4.86 -24.43 12.71
N ALA D 64 -5.08 -25.74 12.82
CA ALA D 64 -5.20 -26.51 14.08
C ALA D 64 -3.84 -26.74 14.72
N ALA D 65 -2.73 -26.66 14.00
CA ALA D 65 -1.37 -26.91 14.51
C ALA D 65 -0.78 -25.66 15.17
N VAL D 66 0.36 -25.80 15.85
CA VAL D 66 1.20 -24.64 16.28
C VAL D 66 2.09 -24.22 15.10
N PRO D 67 2.35 -22.91 14.89
CA PRO D 67 3.19 -22.46 13.78
C PRO D 67 4.67 -22.87 13.79
N LEU D 68 5.37 -22.74 14.93
CA LEU D 68 6.82 -23.01 15.06
C LEU D 68 7.04 -24.32 15.83
N LYS D 69 7.72 -25.29 15.22
CA LYS D 69 7.85 -26.65 15.80
C LYS D 69 9.22 -27.24 15.46
#